data_7B5V
#
_entry.id   7B5V
#
_cell.length_a   103.962
_cell.length_b   80.966
_cell.length_c   107.350
_cell.angle_alpha   90.000
_cell.angle_beta   105.666
_cell.angle_gamma   90.000
#
_symmetry.space_group_name_H-M   'C 1 2 1'
#
loop_
_entity.id
_entity.type
_entity.pdbx_description
1 polymer 'Carbohydrate Esterase family 1 protein with an N-terminal carbohydrate binding module family 48'
2 non-polymer 'CHLORIDE ION'
3 non-polymer DI(HYDROXYETHYL)ETHER
4 non-polymer 1,2-ETHANEDIOL
5 water water
#
_entity_poly.entity_id   1
_entity_poly.type   'polypeptide(L)'
_entity_poly.pdbx_seq_one_letter_code
;MGSSHHHHHHSSENLYFQGHSEEAEVGISASTNIPGAQYPQILSGNRVLFRIKAPDAKRVQVDLGKKYDMVREEEGSWAI
TTDPIVEGFHYYSILIDGVAVCDPASRTFYGMSRMASGIEIPEEGVDYYNLKNVPHGQIRQIRYFSDVTKAWRRAFVYTP
AGYDANTSQRYPVLYLQHGGGEDETGWPNQGKMDAIIDNLIAEGKAKPMIVVMDNGYAVDPSASSANSPQGLRGLFQNSA
LEKVFINEIIPLVDKEFRTIADRDHRAMAGLSMGGFQAFQIAMTNLDKFAYVGGFSGGGIIEQGGDFSKMYNNVWSDVDT
FNKRVKLIYLSIGTAEPTNMYQTVNNFHKEFEKAGIKHVYYESPGTSHEWLTWRRSLNQFAELLFK
;
_entity_poly.pdbx_strand_id   A,B
#
loop_
_chem_comp.id
_chem_comp.type
_chem_comp.name
_chem_comp.formula
CL non-polymer 'CHLORIDE ION' 'Cl -1'
EDO non-polymer 1,2-ETHANEDIOL 'C2 H6 O2'
PEG non-polymer DI(HYDROXYETHYL)ETHER 'C4 H10 O3'
#
# COMPACT_ATOMS: atom_id res chain seq x y z
N ALA A 24 9.91 31.08 -12.09
CA ALA A 24 10.61 31.39 -10.84
C ALA A 24 11.63 30.31 -10.52
N GLU A 25 12.10 30.25 -9.27
CA GLU A 25 13.20 29.35 -8.94
C GLU A 25 13.06 28.71 -7.56
N VAL A 26 12.62 29.48 -6.57
CA VAL A 26 12.44 28.97 -5.21
C VAL A 26 11.03 28.41 -5.07
N GLY A 27 10.92 27.20 -4.56
CA GLY A 27 9.64 26.52 -4.45
C GLY A 27 9.60 25.58 -3.28
N ILE A 28 8.47 24.91 -3.13
CA ILE A 28 8.24 23.95 -2.05
C ILE A 28 8.12 22.57 -2.68
N SER A 29 8.83 21.60 -2.12
CA SER A 29 8.74 20.23 -2.64
C SER A 29 7.32 19.70 -2.45
N ALA A 30 6.80 19.04 -3.49
CA ALA A 30 5.45 18.48 -3.38
C ALA A 30 5.42 17.39 -2.32
N SER A 31 4.27 17.26 -1.65
CA SER A 31 4.13 16.29 -0.57
C SER A 31 4.15 14.86 -1.10
N THR A 32 3.93 14.68 -2.40
CA THR A 32 4.00 13.39 -3.05
C THR A 32 5.42 12.98 -3.45
N ASN A 33 6.41 13.84 -3.25
CA ASN A 33 7.80 13.49 -3.56
C ASN A 33 8.26 12.32 -2.69
N ILE A 34 9.07 11.43 -3.26
CA ILE A 34 9.65 10.40 -2.40
C ILE A 34 10.54 11.08 -1.37
N PRO A 35 10.73 10.50 -0.19
CA PRO A 35 11.59 11.14 0.82
C PRO A 35 12.98 11.45 0.27
N GLY A 36 13.42 12.69 0.50
CA GLY A 36 14.71 13.15 0.03
C GLY A 36 14.71 13.79 -1.35
N ALA A 37 13.65 13.63 -2.13
CA ALA A 37 13.58 14.24 -3.45
C ALA A 37 13.11 15.69 -3.33
N GLN A 38 13.98 16.64 -3.71
CA GLN A 38 13.61 18.05 -3.63
C GLN A 38 12.71 18.50 -4.76
N TYR A 39 12.83 17.90 -5.94
CA TYR A 39 11.98 18.16 -7.08
C TYR A 39 11.07 16.97 -7.35
N PRO A 40 9.85 17.19 -7.83
CA PRO A 40 9.29 18.49 -8.24
C PRO A 40 8.99 19.48 -7.11
N GLN A 41 9.04 20.76 -7.45
CA GLN A 41 8.74 21.85 -6.52
C GLN A 41 7.57 22.67 -7.07
N ILE A 42 6.71 23.10 -6.17
CA ILE A 42 5.60 23.97 -6.54
C ILE A 42 6.07 25.41 -6.39
N LEU A 43 6.02 26.16 -7.48
CA LEU A 43 6.45 27.56 -7.46
C LEU A 43 5.25 28.46 -7.20
N SER A 44 5.53 29.76 -7.06
CA SER A 44 4.46 30.75 -6.98
C SER A 44 3.52 30.60 -8.18
N GLY A 45 2.23 30.82 -7.95
CA GLY A 45 1.22 30.63 -8.97
C GLY A 45 0.87 29.19 -9.24
N ASN A 46 1.40 28.26 -8.43
CA ASN A 46 1.17 26.82 -8.59
C ASN A 46 1.72 26.28 -9.90
N ARG A 47 2.71 26.97 -10.46
CA ARG A 47 3.53 26.34 -11.48
C ARG A 47 4.40 25.27 -10.82
N VAL A 48 4.66 24.19 -11.56
CA VAL A 48 5.48 23.10 -11.03
C VAL A 48 6.78 23.03 -11.83
N LEU A 49 7.90 22.97 -11.12
CA LEU A 49 9.23 22.84 -11.71
C LEU A 49 9.65 21.38 -11.59
N PHE A 50 9.79 20.71 -12.73
CA PHE A 50 10.25 19.32 -12.79
C PHE A 50 11.71 19.27 -13.23
N ARG A 51 12.49 18.42 -12.58
N ARG A 51 12.50 18.40 -12.59
CA ARG A 51 13.86 18.14 -12.97
CA ARG A 51 13.89 18.16 -12.95
C ARG A 51 14.06 16.63 -13.04
C ARG A 51 14.15 16.66 -12.97
N ILE A 52 14.95 16.21 -13.93
CA ILE A 52 15.34 14.80 -13.99
C ILE A 52 16.69 14.72 -14.69
N LYS A 53 17.54 13.84 -14.18
CA LYS A 53 18.85 13.53 -14.79
C LYS A 53 18.61 12.42 -15.81
N ALA A 54 18.99 12.66 -17.04
CA ALA A 54 18.78 11.72 -18.16
C ALA A 54 19.77 12.11 -19.27
N PRO A 55 21.07 12.01 -19.03
CA PRO A 55 22.05 12.46 -20.00
C PRO A 55 21.95 11.86 -21.40
N ASP A 56 21.53 10.61 -21.53
CA ASP A 56 21.51 9.95 -22.86
C ASP A 56 20.12 9.95 -23.48
N ALA A 57 19.15 10.61 -22.86
CA ALA A 57 17.79 10.58 -23.42
C ALA A 57 17.65 11.44 -24.67
N LYS A 58 16.76 11.05 -25.57
CA LYS A 58 16.51 11.84 -26.80
C LYS A 58 15.38 12.83 -26.54
N ARG A 59 14.33 12.42 -25.82
CA ARG A 59 13.23 13.32 -25.52
C ARG A 59 12.79 13.07 -24.09
N VAL A 60 12.53 14.14 -23.35
CA VAL A 60 12.02 14.04 -21.99
C VAL A 60 10.81 14.95 -21.87
N GLN A 61 9.65 14.38 -21.55
CA GLN A 61 8.45 15.16 -21.36
C GLN A 61 7.84 14.87 -20.01
N VAL A 62 7.04 15.82 -19.53
CA VAL A 62 6.14 15.56 -18.41
C VAL A 62 4.72 15.77 -18.89
N ASP A 63 3.83 14.85 -18.54
CA ASP A 63 2.42 14.91 -18.93
C ASP A 63 1.64 15.21 -17.67
N LEU A 64 1.31 16.49 -17.48
CA LEU A 64 0.58 16.98 -16.31
C LEU A 64 -0.47 17.96 -16.85
N GLY A 65 -1.68 17.46 -17.06
CA GLY A 65 -2.72 18.24 -17.74
C GLY A 65 -2.50 18.27 -19.24
N LYS A 66 -1.28 18.60 -19.66
CA LYS A 66 -0.86 18.50 -21.06
C LYS A 66 0.61 18.09 -21.06
N LYS A 67 1.12 17.78 -22.25
CA LYS A 67 2.52 17.37 -22.38
C LYS A 67 3.41 18.59 -22.53
N TYR A 68 4.50 18.61 -21.76
CA TYR A 68 5.54 19.62 -21.83
C TYR A 68 6.85 18.94 -22.20
N ASP A 69 7.59 19.51 -23.15
CA ASP A 69 8.96 19.07 -23.38
C ASP A 69 9.87 19.71 -22.34
N MET A 70 10.65 18.89 -21.65
CA MET A 70 11.73 19.44 -20.85
C MET A 70 12.87 19.89 -21.76
N VAL A 71 13.72 20.76 -21.23
CA VAL A 71 14.86 21.34 -21.95
C VAL A 71 16.14 20.86 -21.28
N ARG A 72 17.16 20.55 -22.08
CA ARG A 72 18.44 20.13 -21.55
C ARG A 72 19.09 21.25 -20.74
N GLU A 73 19.66 20.88 -19.59
CA GLU A 73 20.42 21.81 -18.78
C GLU A 73 21.83 21.26 -18.57
N GLU A 74 22.46 21.63 -17.47
CA GLU A 74 23.87 21.33 -17.27
C GLU A 74 24.05 19.92 -16.71
N GLU A 75 25.06 19.24 -17.24
CA GLU A 75 25.50 17.93 -16.75
C GLU A 75 24.38 16.90 -16.81
N GLY A 76 23.71 16.86 -17.96
CA GLY A 76 22.80 15.77 -18.26
C GLY A 76 21.43 15.86 -17.66
N SER A 77 21.09 16.97 -17.00
N SER A 77 21.10 16.97 -16.99
CA SER A 77 19.78 17.13 -16.41
CA SER A 77 19.78 17.16 -16.40
C SER A 77 18.84 17.83 -17.39
C SER A 77 18.84 17.84 -17.38
N TRP A 78 17.54 17.61 -17.19
CA TRP A 78 16.49 18.26 -17.96
C TRP A 78 15.54 18.95 -16.98
N ALA A 79 14.87 20.01 -17.44
CA ALA A 79 13.96 20.74 -16.56
C ALA A 79 12.84 21.39 -17.37
N ILE A 80 11.71 21.62 -16.70
CA ILE A 80 10.64 22.44 -17.27
C ILE A 80 9.83 23.02 -16.13
N THR A 81 9.24 24.19 -16.37
CA THR A 81 8.28 24.82 -15.47
C THR A 81 6.92 24.82 -16.18
N THR A 82 5.93 24.19 -15.58
CA THR A 82 4.63 24.07 -16.22
C THR A 82 3.87 25.40 -16.14
N ASP A 83 2.72 25.44 -16.81
CA ASP A 83 1.69 26.45 -16.57
C ASP A 83 1.19 26.29 -15.15
N PRO A 84 0.46 27.26 -14.59
CA PRO A 84 -0.20 27.03 -13.31
C PRO A 84 -1.02 25.75 -13.34
N ILE A 85 -0.86 24.93 -12.30
CA ILE A 85 -1.59 23.67 -12.16
C ILE A 85 -2.73 23.89 -11.17
N VAL A 86 -3.91 23.38 -11.51
CA VAL A 86 -5.06 23.58 -10.65
C VAL A 86 -4.87 22.81 -9.34
N GLU A 87 -5.36 23.40 -8.25
CA GLU A 87 -5.19 22.79 -6.94
C GLU A 87 -5.84 21.41 -6.90
N GLY A 88 -5.26 20.52 -6.08
CA GLY A 88 -5.77 19.18 -5.96
C GLY A 88 -4.75 18.11 -6.30
N PHE A 89 -5.24 16.92 -6.57
CA PHE A 89 -4.42 15.75 -6.88
C PHE A 89 -4.46 15.49 -8.38
N HIS A 90 -3.29 15.18 -8.97
CA HIS A 90 -3.24 14.88 -10.39
C HIS A 90 -2.31 13.69 -10.64
N TYR A 91 -2.80 12.70 -11.36
CA TYR A 91 -1.89 11.73 -11.96
C TYR A 91 -0.98 12.44 -12.95
N TYR A 92 0.23 11.91 -13.13
CA TYR A 92 1.07 12.45 -14.18
C TYR A 92 2.06 11.36 -14.60
N SER A 93 2.76 11.63 -15.71
CA SER A 93 3.78 10.71 -16.18
C SER A 93 4.99 11.52 -16.64
N ILE A 94 6.15 10.90 -16.52
CA ILE A 94 7.35 11.28 -17.27
C ILE A 94 7.38 10.43 -18.53
N LEU A 95 7.70 11.02 -19.67
CA LEU A 95 7.86 10.26 -20.91
C LEU A 95 9.31 10.36 -21.34
N ILE A 96 9.98 9.22 -21.43
CA ILE A 96 11.32 9.13 -22.01
C ILE A 96 11.15 8.60 -23.42
N ASP A 97 11.51 9.42 -24.41
CA ASP A 97 11.37 9.04 -25.81
C ASP A 97 9.96 8.54 -26.11
N GLY A 98 8.96 9.19 -25.52
CA GLY A 98 7.59 8.80 -25.76
C GLY A 98 7.08 7.64 -24.93
N VAL A 99 7.90 7.06 -24.05
CA VAL A 99 7.46 5.97 -23.19
C VAL A 99 6.99 6.55 -21.85
N ALA A 100 5.72 6.35 -21.54
CA ALA A 100 5.14 6.93 -20.32
C ALA A 100 5.48 6.06 -19.12
N VAL A 101 6.10 6.65 -18.09
CA VAL A 101 6.55 5.90 -16.92
C VAL A 101 6.28 6.70 -15.65
N CYS A 102 6.45 6.02 -14.52
CA CYS A 102 6.49 6.68 -13.21
C CYS A 102 7.72 7.55 -13.08
N ASP A 103 7.53 8.74 -12.56
CA ASP A 103 8.65 9.61 -12.20
C ASP A 103 9.43 9.01 -11.04
N PRO A 104 10.75 8.78 -11.16
CA PRO A 104 11.51 8.25 -10.02
C PRO A 104 11.44 9.12 -8.79
N ALA A 105 11.09 10.39 -8.95
CA ALA A 105 11.08 11.32 -7.83
C ALA A 105 9.79 11.28 -7.02
N SER A 106 8.75 10.60 -7.48
CA SER A 106 7.45 10.70 -6.81
C SER A 106 6.94 9.35 -6.31
N ARG A 107 6.03 9.40 -5.35
CA ARG A 107 5.30 8.20 -4.96
C ARG A 107 4.46 7.70 -6.13
N THR A 108 3.96 6.46 -6.00
CA THR A 108 3.14 5.89 -7.04
C THR A 108 1.76 5.53 -6.51
N PHE A 109 0.82 5.43 -7.45
CA PHE A 109 -0.59 5.16 -7.18
C PHE A 109 -1.08 4.25 -8.29
N TYR A 110 -2.09 3.43 -8.00
CA TYR A 110 -2.68 2.61 -9.05
C TYR A 110 -3.79 3.44 -9.71
N GLY A 111 -3.51 3.92 -10.92
CA GLY A 111 -4.44 4.73 -11.68
C GLY A 111 -4.07 4.62 -13.14
N MET A 112 -5.04 4.92 -14.01
CA MET A 112 -4.86 4.75 -15.45
C MET A 112 -4.41 3.33 -15.79
N SER A 113 -4.92 2.35 -15.02
CA SER A 113 -4.69 0.92 -15.22
C SER A 113 -3.23 0.48 -15.05
N ARG A 114 -2.42 1.22 -14.31
CA ARG A 114 -1.06 0.80 -13.99
C ARG A 114 -0.62 1.56 -12.74
N MET A 115 0.61 1.30 -12.29
CA MET A 115 1.20 2.20 -11.31
C MET A 115 1.61 3.48 -12.00
N ALA A 116 1.30 4.62 -11.38
CA ALA A 116 1.49 5.91 -12.02
C ALA A 116 1.85 6.93 -10.95
N SER A 117 2.60 7.95 -11.35
CA SER A 117 2.92 9.04 -10.44
C SER A 117 1.66 9.88 -10.15
N GLY A 118 1.72 10.59 -9.03
CA GLY A 118 0.72 11.60 -8.74
C GLY A 118 1.42 12.77 -8.09
N ILE A 119 0.80 13.94 -8.21
CA ILE A 119 1.34 15.13 -7.55
C ILE A 119 0.20 15.83 -6.84
N GLU A 120 0.51 16.40 -5.68
CA GLU A 120 -0.49 17.09 -4.87
C GLU A 120 -0.18 18.58 -4.90
N ILE A 121 -1.16 19.38 -5.28
CA ILE A 121 -1.06 20.84 -5.29
C ILE A 121 -1.98 21.36 -4.18
N PRO A 122 -1.44 21.90 -3.08
CA PRO A 122 -2.31 22.32 -1.96
C PRO A 122 -3.27 23.44 -2.33
N GLU A 123 -4.45 23.40 -1.72
CA GLU A 123 -5.42 24.48 -1.75
C GLU A 123 -5.10 25.45 -0.63
N GLU A 124 -5.37 26.73 -0.85
CA GLU A 124 -5.18 27.69 0.21
C GLU A 124 -6.39 27.67 1.14
N GLY A 125 -6.13 27.53 2.44
CA GLY A 125 -7.18 27.57 3.43
C GLY A 125 -8.09 26.36 3.48
N VAL A 126 -7.67 25.20 2.95
CA VAL A 126 -8.46 23.98 3.02
C VAL A 126 -7.61 22.88 3.62
N ASP A 127 -8.10 22.24 4.70
CA ASP A 127 -7.30 21.17 5.27
C ASP A 127 -8.11 19.98 5.81
N TYR A 128 -9.37 19.80 5.36
CA TYR A 128 -10.16 18.69 5.87
C TYR A 128 -9.64 17.32 5.44
N TYR A 129 -8.80 17.24 4.39
CA TYR A 129 -8.18 15.96 4.03
C TYR A 129 -6.74 15.85 4.52
N ASN A 130 -6.35 16.69 5.45
CA ASN A 130 -5.02 16.62 6.04
C ASN A 130 -5.10 16.02 7.44
N LEU A 131 -3.96 15.48 7.89
CA LEU A 131 -3.91 14.84 9.19
C LEU A 131 -3.91 15.88 10.29
N LYS A 132 -4.72 15.66 11.31
CA LYS A 132 -4.86 16.60 12.41
C LYS A 132 -4.73 15.86 13.73
N ASN A 133 -4.44 16.59 14.79
N ASN A 133 -4.49 16.63 14.79
CA ASN A 133 -4.35 15.97 16.11
CA ASN A 133 -4.43 16.12 16.17
C ASN A 133 -5.76 15.77 16.67
C ASN A 133 -5.83 15.81 16.68
N VAL A 134 -6.45 14.80 16.07
CA VAL A 134 -7.79 14.38 16.50
C VAL A 134 -7.74 12.86 16.71
N PRO A 135 -8.73 12.25 17.36
CA PRO A 135 -8.74 10.78 17.44
C PRO A 135 -8.80 10.20 16.03
N HIS A 136 -8.04 9.13 15.82
CA HIS A 136 -7.87 8.55 14.50
C HIS A 136 -8.45 7.15 14.45
N GLY A 137 -9.19 6.87 13.39
CA GLY A 137 -9.54 5.50 13.08
C GLY A 137 -8.34 4.75 12.51
N GLN A 138 -8.63 3.58 11.94
CA GLN A 138 -7.61 2.72 11.37
C GLN A 138 -8.11 2.13 10.08
N ILE A 139 -7.23 2.02 9.09
CA ILE A 139 -7.56 1.30 7.87
C ILE A 139 -6.88 -0.06 7.96
N ARG A 140 -7.66 -1.13 7.86
CA ARG A 140 -7.07 -2.46 7.89
C ARG A 140 -7.32 -3.21 6.60
N GLN A 141 -6.40 -4.12 6.31
CA GLN A 141 -6.45 -4.95 5.12
C GLN A 141 -7.11 -6.28 5.48
N ILE A 142 -8.10 -6.69 4.69
N ILE A 142 -8.11 -6.66 4.69
CA ILE A 142 -8.76 -7.98 4.91
CA ILE A 142 -8.79 -7.94 4.82
C ILE A 142 -8.73 -8.78 3.60
C ILE A 142 -8.52 -8.74 3.55
N ARG A 143 -8.36 -10.05 3.71
CA ARG A 143 -8.22 -10.95 2.57
C ARG A 143 -9.30 -12.01 2.64
N TYR A 144 -9.87 -12.37 1.49
CA TYR A 144 -10.89 -13.40 1.43
C TYR A 144 -10.83 -14.06 0.06
N PHE A 145 -11.19 -15.34 0.02
CA PHE A 145 -11.27 -16.07 -1.24
C PHE A 145 -12.69 -16.00 -1.77
N SER A 146 -12.83 -15.56 -3.02
CA SER A 146 -14.14 -15.43 -3.65
C SER A 146 -14.49 -16.71 -4.39
N ASP A 147 -15.67 -17.27 -4.07
N ASP A 147 -15.66 -17.27 -4.05
CA ASP A 147 -16.14 -18.41 -4.84
CA ASP A 147 -16.19 -18.40 -4.80
C ASP A 147 -16.77 -18.00 -6.16
C ASP A 147 -16.70 -17.98 -6.18
N VAL A 148 -17.15 -16.72 -6.31
CA VAL A 148 -17.59 -16.23 -7.61
C VAL A 148 -16.41 -16.16 -8.57
N THR A 149 -15.33 -15.51 -8.16
CA THR A 149 -14.21 -15.30 -9.06
C THR A 149 -13.15 -16.39 -8.94
N LYS A 150 -13.27 -17.30 -7.98
CA LYS A 150 -12.26 -18.35 -7.72
C LYS A 150 -10.87 -17.73 -7.60
N ALA A 151 -10.79 -16.61 -6.90
CA ALA A 151 -9.53 -15.93 -6.71
C ALA A 151 -9.53 -15.25 -5.35
N TRP A 152 -8.33 -15.01 -4.84
CA TRP A 152 -8.15 -14.25 -3.62
C TRP A 152 -8.40 -12.77 -3.89
N ARG A 153 -9.13 -12.12 -2.98
CA ARG A 153 -9.44 -10.71 -3.08
C ARG A 153 -8.99 -10.00 -1.80
N ARG A 154 -8.95 -8.68 -1.88
CA ARG A 154 -8.52 -7.84 -0.77
C ARG A 154 -9.41 -6.62 -0.68
N ALA A 155 -9.81 -6.28 0.55
CA ALA A 155 -10.52 -5.04 0.79
C ALA A 155 -9.79 -4.28 1.89
N PHE A 156 -10.02 -2.98 1.91
CA PHE A 156 -9.57 -2.15 3.03
C PHE A 156 -10.80 -1.70 3.80
N VAL A 157 -10.73 -1.81 5.12
CA VAL A 157 -11.84 -1.49 6.01
C VAL A 157 -11.37 -0.43 6.98
N TYR A 158 -11.94 0.76 6.87
CA TYR A 158 -11.77 1.81 7.88
C TYR A 158 -12.68 1.54 9.06
N THR A 159 -12.07 1.50 10.28
CA THR A 159 -12.89 1.54 11.48
C THR A 159 -12.66 2.87 12.20
N PRO A 160 -13.68 3.43 12.81
CA PRO A 160 -13.56 4.76 13.41
C PRO A 160 -12.77 4.72 14.72
N ALA A 161 -12.38 5.91 15.18
CA ALA A 161 -11.62 6.01 16.41
C ALA A 161 -12.40 5.41 17.58
N GLY A 162 -11.69 4.72 18.47
CA GLY A 162 -12.32 4.08 19.60
C GLY A 162 -13.03 2.78 19.31
N TYR A 163 -12.95 2.27 18.07
CA TYR A 163 -13.64 1.05 17.70
C TYR A 163 -13.28 -0.11 18.62
N ASP A 164 -12.00 -0.22 18.99
CA ASP A 164 -11.54 -1.39 19.73
C ASP A 164 -12.02 -1.37 21.18
N ALA A 165 -12.26 -0.18 21.73
CA ALA A 165 -12.64 -0.03 23.13
C ALA A 165 -14.14 -0.01 23.36
N ASN A 166 -14.93 0.49 22.41
CA ASN A 166 -16.38 0.58 22.56
C ASN A 166 -17.03 -0.71 22.06
N THR A 167 -16.78 -1.79 22.81
CA THR A 167 -17.09 -3.13 22.32
C THR A 167 -18.59 -3.44 22.27
N SER A 168 -19.43 -2.64 22.94
CA SER A 168 -20.86 -2.83 22.81
C SER A 168 -21.49 -1.86 21.82
N GLN A 169 -20.67 -1.00 21.19
CA GLN A 169 -21.13 -0.13 20.12
C GLN A 169 -21.03 -0.84 18.77
N ARG A 170 -22.00 -0.58 17.90
CA ARG A 170 -21.95 -1.08 16.53
C ARG A 170 -22.09 0.09 15.58
N TYR A 171 -21.74 -0.13 14.31
CA TYR A 171 -21.59 1.00 13.40
C TYR A 171 -22.23 0.75 12.04
N PRO A 172 -22.79 1.80 11.44
CA PRO A 172 -23.23 1.71 10.05
C PRO A 172 -22.02 1.58 9.14
N VAL A 173 -22.27 1.18 7.89
CA VAL A 173 -21.22 0.86 6.94
C VAL A 173 -21.48 1.56 5.62
N LEU A 174 -20.46 2.26 5.12
CA LEU A 174 -20.43 2.79 3.76
C LEU A 174 -19.54 1.91 2.90
N TYR A 175 -20.06 1.46 1.77
CA TYR A 175 -19.29 0.72 0.78
C TYR A 175 -18.87 1.71 -0.31
N LEU A 176 -17.55 1.90 -0.48
CA LEU A 176 -17.02 3.04 -1.21
C LEU A 176 -16.09 2.54 -2.32
N GLN A 177 -16.39 2.87 -3.57
CA GLN A 177 -15.71 2.26 -4.71
C GLN A 177 -14.94 3.28 -5.53
N HIS A 178 -13.83 2.81 -6.11
CA HIS A 178 -12.92 3.59 -6.96
C HIS A 178 -13.44 3.63 -8.39
N GLY A 179 -12.70 4.36 -9.25
CA GLY A 179 -13.06 4.51 -10.64
C GLY A 179 -12.37 3.50 -11.56
N GLY A 180 -12.72 3.58 -12.84
CA GLY A 180 -12.06 2.74 -13.83
C GLY A 180 -10.55 2.98 -13.83
N GLY A 181 -9.79 1.90 -14.02
CA GLY A 181 -8.35 2.03 -14.03
C GLY A 181 -7.72 2.16 -12.66
N GLU A 182 -8.52 2.11 -11.58
CA GLU A 182 -8.01 2.22 -10.22
C GLU A 182 -8.23 0.89 -9.50
N ASP A 183 -7.98 0.88 -8.18
CA ASP A 183 -8.18 -0.34 -7.41
C ASP A 183 -8.52 0.03 -5.97
N GLU A 184 -8.58 -0.99 -5.10
CA GLU A 184 -9.03 -0.78 -3.73
C GLU A 184 -8.09 0.11 -2.90
N THR A 185 -6.88 0.36 -3.40
CA THR A 185 -5.98 1.28 -2.72
C THR A 185 -6.29 2.73 -3.03
N GLY A 186 -7.25 3.01 -3.92
CA GLY A 186 -7.55 4.38 -4.33
C GLY A 186 -8.04 5.31 -3.24
N TRP A 187 -9.12 4.94 -2.56
CA TRP A 187 -9.65 5.85 -1.54
C TRP A 187 -8.70 6.04 -0.34
N PRO A 188 -7.99 5.00 0.13
CA PRO A 188 -6.98 5.23 1.18
C PRO A 188 -5.85 6.16 0.77
N ASN A 189 -5.45 6.16 -0.50
CA ASN A 189 -4.25 6.90 -0.90
C ASN A 189 -4.62 8.20 -1.62
N GLN A 190 -4.92 8.13 -2.92
CA GLN A 190 -5.47 9.28 -3.64
C GLN A 190 -6.61 9.97 -2.90
N GLY A 191 -7.49 9.19 -2.28
CA GLY A 191 -8.66 9.80 -1.65
C GLY A 191 -8.44 10.37 -0.27
N LYS A 192 -7.28 10.07 0.36
CA LYS A 192 -7.02 10.53 1.73
C LYS A 192 -8.22 10.28 2.64
N MET A 193 -8.85 9.12 2.48
CA MET A 193 -10.18 8.96 3.07
C MET A 193 -10.12 8.93 4.59
N ASP A 194 -9.04 8.40 5.18
CA ASP A 194 -9.02 8.33 6.64
C ASP A 194 -8.96 9.72 7.26
N ALA A 195 -8.24 10.66 6.65
CA ALA A 195 -8.26 12.03 7.17
C ALA A 195 -9.64 12.65 7.04
N ILE A 196 -10.26 12.51 5.86
CA ILE A 196 -11.58 13.10 5.64
C ILE A 196 -12.57 12.59 6.68
N ILE A 197 -12.62 11.27 6.87
CA ILE A 197 -13.61 10.69 7.77
C ILE A 197 -13.22 10.91 9.23
N ASP A 198 -11.92 10.77 9.58
CA ASP A 198 -11.46 11.10 10.93
C ASP A 198 -11.90 12.50 11.33
N ASN A 199 -11.65 13.47 10.46
CA ASN A 199 -11.93 14.87 10.77
C ASN A 199 -13.44 15.12 10.91
N LEU A 200 -14.23 14.61 9.97
CA LEU A 200 -15.68 14.74 10.06
C LEU A 200 -16.21 14.20 11.37
N ILE A 201 -15.76 13.00 11.75
CA ILE A 201 -16.28 12.39 12.98
C ILE A 201 -15.83 13.17 14.20
N ALA A 202 -14.58 13.64 14.18
CA ALA A 202 -14.05 14.40 15.32
C ALA A 202 -14.79 15.72 15.51
N GLU A 203 -15.17 16.38 14.42
CA GLU A 203 -15.90 17.64 14.49
C GLU A 203 -17.40 17.44 14.68
N GLY A 204 -17.86 16.21 14.87
CA GLY A 204 -19.28 15.94 15.05
C GLY A 204 -20.13 16.10 13.81
N LYS A 205 -19.50 16.17 12.63
CA LYS A 205 -20.22 16.43 11.39
C LYS A 205 -20.70 15.15 10.69
N ALA A 206 -20.11 14.02 11.03
CA ALA A 206 -20.53 12.73 10.51
C ALA A 206 -20.62 11.76 11.68
N LYS A 207 -21.56 10.82 11.58
CA LYS A 207 -21.66 9.78 12.58
C LYS A 207 -20.48 8.83 12.46
N PRO A 208 -20.01 8.27 13.58
CA PRO A 208 -19.02 7.20 13.51
C PRO A 208 -19.51 6.13 12.55
N MET A 209 -18.63 5.71 11.64
CA MET A 209 -19.04 4.74 10.63
C MET A 209 -17.85 3.91 10.22
N ILE A 210 -18.14 2.72 9.68
CA ILE A 210 -17.16 1.85 9.05
C ILE A 210 -17.22 2.10 7.55
N VAL A 211 -16.08 2.05 6.87
CA VAL A 211 -16.05 2.24 5.42
C VAL A 211 -15.31 1.06 4.79
N VAL A 212 -15.91 0.46 3.76
CA VAL A 212 -15.36 -0.74 3.11
C VAL A 212 -15.02 -0.37 1.67
N MET A 213 -13.76 -0.60 1.28
CA MET A 213 -13.22 -0.25 -0.03
C MET A 213 -12.71 -1.52 -0.69
N ASP A 214 -13.45 -2.01 -1.69
CA ASP A 214 -13.07 -3.22 -2.42
C ASP A 214 -12.67 -2.87 -3.84
N ASN A 215 -12.51 -3.90 -4.67
CA ASN A 215 -12.05 -3.77 -6.04
C ASN A 215 -13.25 -3.84 -6.99
N GLY A 216 -13.33 -2.90 -7.91
CA GLY A 216 -14.47 -2.81 -8.80
C GLY A 216 -14.44 -3.77 -9.97
N TYR A 217 -13.52 -4.73 -9.98
CA TYR A 217 -13.38 -5.70 -11.06
C TYR A 217 -13.66 -7.09 -10.50
N ALA A 218 -14.38 -7.90 -11.27
CA ALA A 218 -14.67 -9.26 -10.83
C ALA A 218 -14.98 -10.07 -12.07
N VAL A 219 -14.29 -11.21 -12.23
CA VAL A 219 -14.43 -12.10 -13.37
C VAL A 219 -14.92 -13.45 -12.87
N ASP A 220 -16.11 -13.86 -13.31
CA ASP A 220 -16.59 -15.21 -13.05
C ASP A 220 -16.00 -16.09 -14.14
N PRO A 221 -15.07 -16.98 -13.80
CA PRO A 221 -14.38 -17.75 -14.87
C PRO A 221 -15.29 -18.70 -15.62
N SER A 222 -16.44 -19.05 -15.05
CA SER A 222 -17.39 -19.97 -15.68
C SER A 222 -18.47 -19.24 -16.45
N ALA A 223 -18.41 -17.92 -16.56
CA ALA A 223 -19.51 -17.14 -17.12
C ALA A 223 -19.40 -16.97 -18.62
N SER A 224 -20.55 -16.73 -19.25
CA SER A 224 -20.65 -16.55 -20.69
C SER A 224 -21.11 -15.14 -21.02
N PHE A 236 -21.55 -0.32 -17.63
CA PHE A 236 -20.65 -0.68 -16.54
C PHE A 236 -21.24 -1.78 -15.65
N GLN A 237 -22.20 -2.53 -16.20
CA GLN A 237 -22.87 -3.53 -15.39
C GLN A 237 -22.09 -4.85 -15.39
N ASN A 238 -21.95 -5.42 -14.19
CA ASN A 238 -21.20 -6.68 -13.99
C ASN A 238 -21.93 -7.50 -12.93
N SER A 239 -22.55 -8.59 -13.37
CA SER A 239 -23.29 -9.46 -12.46
C SER A 239 -22.31 -10.14 -11.50
N ALA A 240 -21.11 -10.46 -11.93
CA ALA A 240 -20.14 -11.11 -11.02
C ALA A 240 -19.86 -10.15 -9.85
N LEU A 241 -19.52 -8.90 -10.15
CA LEU A 241 -19.26 -7.96 -9.07
C LEU A 241 -20.46 -7.83 -8.14
N GLU A 242 -21.68 -7.78 -8.69
CA GLU A 242 -22.86 -7.69 -7.82
C GLU A 242 -22.96 -8.90 -6.90
N LYS A 243 -22.73 -10.11 -7.44
CA LYS A 243 -22.73 -11.30 -6.60
C LYS A 243 -21.66 -11.24 -5.53
N VAL A 244 -20.45 -10.79 -5.89
CA VAL A 244 -19.38 -10.67 -4.90
C VAL A 244 -19.85 -9.77 -3.75
N PHE A 245 -20.43 -8.61 -4.08
CA PHE A 245 -20.85 -7.69 -3.02
C PHE A 245 -21.96 -8.28 -2.16
N ILE A 246 -23.01 -8.78 -2.80
CA ILE A 246 -24.18 -9.20 -2.04
C ILE A 246 -23.92 -10.54 -1.33
N ASN A 247 -23.22 -11.45 -1.98
CA ASN A 247 -23.05 -12.79 -1.41
C ASN A 247 -21.77 -12.97 -0.62
N GLU A 248 -20.76 -12.11 -0.80
CA GLU A 248 -19.47 -12.35 -0.16
C GLU A 248 -19.01 -11.19 0.70
N ILE A 249 -18.94 -9.97 0.17
CA ILE A 249 -18.34 -8.85 0.91
C ILE A 249 -19.23 -8.45 2.08
N ILE A 250 -20.51 -8.17 1.81
CA ILE A 250 -21.41 -7.73 2.88
C ILE A 250 -21.50 -8.76 3.99
N PRO A 251 -21.74 -10.05 3.71
CA PRO A 251 -21.75 -11.04 4.81
C PRO A 251 -20.44 -11.13 5.57
N LEU A 252 -19.32 -11.01 4.85
CA LEU A 252 -18.02 -11.06 5.52
C LEU A 252 -17.84 -9.87 6.44
N VAL A 253 -18.20 -8.67 5.97
CA VAL A 253 -18.01 -7.49 6.79
C VAL A 253 -18.93 -7.54 8.01
N ASP A 254 -20.17 -7.95 7.80
CA ASP A 254 -21.16 -8.03 8.90
C ASP A 254 -20.73 -9.10 9.91
N LYS A 255 -19.96 -10.07 9.49
CA LYS A 255 -19.52 -11.13 10.41
C LYS A 255 -18.24 -10.74 11.14
N GLU A 256 -17.31 -10.08 10.47
CA GLU A 256 -16.00 -9.79 11.10
C GLU A 256 -16.01 -8.46 11.86
N PHE A 257 -16.95 -7.59 11.58
CA PHE A 257 -16.96 -6.28 12.23
C PHE A 257 -18.29 -6.06 12.94
N ARG A 258 -18.25 -5.16 13.92
CA ARG A 258 -19.42 -4.82 14.72
C ARG A 258 -20.27 -3.83 13.96
N THR A 259 -21.00 -4.35 12.97
CA THR A 259 -21.80 -3.48 12.12
C THR A 259 -23.26 -3.51 12.56
N ILE A 260 -23.98 -2.46 12.15
CA ILE A 260 -25.43 -2.44 12.20
C ILE A 260 -25.91 -2.96 10.85
N ALA A 261 -26.27 -4.24 10.81
CA ALA A 261 -26.44 -4.95 9.54
C ALA A 261 -27.90 -4.88 9.08
N ASP A 262 -28.28 -3.69 8.62
CA ASP A 262 -29.58 -3.50 7.99
C ASP A 262 -29.49 -2.32 7.04
N ARG A 263 -30.50 -2.20 6.18
CA ARG A 263 -30.46 -1.24 5.08
C ARG A 263 -30.42 0.21 5.55
N ASP A 264 -31.03 0.51 6.71
CA ASP A 264 -31.01 1.88 7.18
C ASP A 264 -29.62 2.29 7.66
N HIS A 265 -28.70 1.35 7.77
CA HIS A 265 -27.35 1.62 8.23
C HIS A 265 -26.33 1.09 7.23
N ARG A 266 -26.73 1.03 5.95
CA ARG A 266 -25.83 0.57 4.90
C ARG A 266 -25.95 1.48 3.68
N ALA A 267 -24.80 1.94 3.19
CA ALA A 267 -24.71 2.88 2.10
C ALA A 267 -23.73 2.36 1.05
N MET A 268 -23.94 2.75 -0.20
CA MET A 268 -22.96 2.45 -1.24
C MET A 268 -22.73 3.68 -2.12
N ALA A 269 -21.46 3.94 -2.44
CA ALA A 269 -21.11 5.08 -3.26
C ALA A 269 -19.82 4.77 -4.03
N GLY A 270 -19.60 5.52 -5.09
CA GLY A 270 -18.34 5.35 -5.82
C GLY A 270 -18.16 6.48 -6.80
N LEU A 271 -16.93 6.58 -7.31
CA LEU A 271 -16.59 7.60 -8.28
C LEU A 271 -16.48 6.98 -9.67
N SER A 272 -16.91 7.75 -10.67
CA SER A 272 -16.91 7.36 -12.08
C SER A 272 -17.48 5.95 -12.24
N MET A 273 -16.70 5.00 -12.77
CA MET A 273 -17.19 3.61 -12.87
C MET A 273 -17.84 3.14 -11.56
N GLY A 274 -17.20 3.43 -10.43
CA GLY A 274 -17.74 3.00 -9.15
C GLY A 274 -19.08 3.62 -8.82
N GLY A 275 -19.36 4.81 -9.38
CA GLY A 275 -20.67 5.40 -9.18
C GLY A 275 -21.75 4.71 -9.98
N PHE A 276 -21.44 4.35 -11.23
CA PHE A 276 -22.36 3.49 -11.98
C PHE A 276 -22.62 2.19 -11.23
N GLN A 277 -21.57 1.61 -10.65
CA GLN A 277 -21.72 0.34 -9.94
C GLN A 277 -22.55 0.50 -8.69
N ALA A 278 -22.36 1.61 -7.97
CA ALA A 278 -23.14 1.86 -6.76
C ALA A 278 -24.62 1.93 -7.07
N PHE A 279 -25.00 2.65 -8.14
CA PHE A 279 -26.41 2.72 -8.52
C PHE A 279 -26.91 1.37 -9.01
N GLN A 280 -26.12 0.66 -9.82
CA GLN A 280 -26.56 -0.64 -10.30
C GLN A 280 -26.79 -1.60 -9.14
N ILE A 281 -25.83 -1.67 -8.22
CA ILE A 281 -25.93 -2.65 -7.14
C ILE A 281 -26.97 -2.24 -6.12
N ALA A 282 -26.97 -0.96 -5.71
CA ALA A 282 -27.93 -0.54 -4.70
C ALA A 282 -29.35 -0.57 -5.25
N MET A 283 -29.55 -0.10 -6.48
CA MET A 283 -30.92 -0.04 -6.99
C MET A 283 -31.51 -1.41 -7.30
N THR A 284 -30.69 -2.43 -7.52
CA THR A 284 -31.22 -3.77 -7.67
C THR A 284 -31.19 -4.56 -6.37
N ASN A 285 -30.81 -3.92 -5.26
CA ASN A 285 -30.80 -4.56 -3.94
C ASN A 285 -31.24 -3.55 -2.89
N LEU A 286 -32.34 -2.85 -3.15
CA LEU A 286 -32.80 -1.83 -2.22
C LEU A 286 -33.11 -2.39 -0.85
N ASP A 287 -33.37 -3.70 -0.75
CA ASP A 287 -33.52 -4.32 0.55
C ASP A 287 -32.23 -4.27 1.37
N LYS A 288 -31.10 -3.96 0.74
CA LYS A 288 -29.83 -3.95 1.43
C LYS A 288 -29.26 -2.57 1.70
N PHE A 289 -29.73 -1.54 0.98
CA PHE A 289 -29.17 -0.19 1.05
C PHE A 289 -30.28 0.85 1.08
N ALA A 290 -30.10 1.89 1.89
CA ALA A 290 -30.97 3.06 1.83
C ALA A 290 -30.25 4.35 1.41
N TYR A 291 -28.96 4.29 1.11
CA TYR A 291 -28.20 5.47 0.73
C TYR A 291 -27.34 5.11 -0.46
N VAL A 292 -27.32 5.96 -1.47
CA VAL A 292 -26.53 5.69 -2.67
C VAL A 292 -25.94 7.00 -3.16
N GLY A 293 -24.69 6.95 -3.64
CA GLY A 293 -23.98 8.13 -4.10
C GLY A 293 -23.18 7.85 -5.35
N GLY A 294 -23.26 8.76 -6.33
CA GLY A 294 -22.44 8.64 -7.53
C GLY A 294 -21.61 9.90 -7.69
N PHE A 295 -20.28 9.77 -7.67
CA PHE A 295 -19.38 10.93 -7.77
C PHE A 295 -18.79 10.90 -9.18
N SER A 296 -19.27 11.81 -10.06
CA SER A 296 -18.91 11.81 -11.48
C SER A 296 -19.21 10.47 -12.16
N GLY A 297 -20.22 9.77 -11.67
CA GLY A 297 -20.64 8.52 -12.29
C GLY A 297 -22.09 8.30 -11.92
N GLY A 298 -22.77 7.54 -12.75
CA GLY A 298 -24.20 7.33 -12.61
C GLY A 298 -24.91 7.97 -13.80
N GLY A 299 -25.90 7.26 -14.33
CA GLY A 299 -26.67 7.76 -15.45
C GLY A 299 -26.85 6.69 -16.50
N ILE A 300 -27.11 7.15 -17.72
CA ILE A 300 -27.17 6.26 -18.88
C ILE A 300 -26.45 6.90 -20.06
N GLN A 303 -31.74 5.11 -27.21
CA GLN A 303 -32.14 6.46 -26.85
C GLN A 303 -31.56 6.83 -25.49
N GLY A 304 -31.32 5.80 -24.69
CA GLY A 304 -31.17 5.95 -23.26
C GLY A 304 -32.30 5.31 -22.48
N GLY A 305 -33.15 4.53 -23.14
CA GLY A 305 -34.21 3.81 -22.49
C GLY A 305 -35.45 4.65 -22.25
N ASP A 306 -36.28 4.14 -21.36
CA ASP A 306 -37.45 4.83 -20.84
C ASP A 306 -37.12 5.01 -19.36
N PHE A 307 -36.54 6.16 -19.01
CA PHE A 307 -35.98 6.41 -17.68
C PHE A 307 -36.89 5.89 -16.58
N SER A 308 -38.20 5.95 -16.82
CA SER A 308 -39.19 5.44 -15.87
C SER A 308 -38.87 4.00 -15.47
N LYS A 309 -38.25 3.23 -16.38
CA LYS A 309 -38.09 1.79 -16.24
C LYS A 309 -36.70 1.38 -15.80
N MET A 310 -35.80 2.33 -15.56
CA MET A 310 -34.42 2.00 -15.23
C MET A 310 -34.35 1.08 -14.01
N TYR A 311 -33.35 0.19 -14.01
CA TYR A 311 -33.09 -0.75 -12.91
C TYR A 311 -34.31 -1.58 -12.55
N ASN A 312 -34.89 -2.22 -13.57
CA ASN A 312 -36.03 -3.14 -13.37
C ASN A 312 -37.19 -2.44 -12.66
N ASN A 313 -37.54 -1.24 -13.14
CA ASN A 313 -38.68 -0.48 -12.64
C ASN A 313 -38.56 -0.14 -11.15
N VAL A 314 -37.33 0.10 -10.66
CA VAL A 314 -37.16 0.34 -9.24
C VAL A 314 -37.92 1.60 -8.80
N TRP A 315 -38.02 2.61 -9.66
CA TRP A 315 -38.69 3.85 -9.27
C TRP A 315 -39.89 4.14 -10.17
N SER A 316 -40.56 3.09 -10.64
CA SER A 316 -41.80 3.26 -11.41
C SER A 316 -42.93 3.81 -10.57
N ASP A 317 -42.90 3.59 -9.26
CA ASP A 317 -43.79 4.24 -8.30
C ASP A 317 -42.93 5.23 -7.53
N VAL A 318 -42.84 6.45 -8.05
CA VAL A 318 -41.91 7.45 -7.52
C VAL A 318 -42.18 7.72 -6.03
N ASP A 319 -43.45 7.82 -5.65
CA ASP A 319 -43.80 8.19 -4.28
C ASP A 319 -43.36 7.12 -3.29
N THR A 320 -43.60 5.86 -3.62
CA THR A 320 -43.13 4.76 -2.78
C THR A 320 -41.61 4.72 -2.76
N PHE A 321 -40.97 4.90 -3.92
CA PHE A 321 -39.51 4.89 -4.02
C PHE A 321 -38.90 5.96 -3.12
N ASN A 322 -39.44 7.19 -3.18
CA ASN A 322 -38.90 8.29 -2.38
C ASN A 322 -38.94 7.99 -0.89
N LYS A 323 -39.88 7.17 -0.42
CA LYS A 323 -39.85 6.87 1.01
C LYS A 323 -39.04 5.63 1.35
N ARG A 324 -38.69 4.81 0.36
CA ARG A 324 -37.81 3.67 0.58
C ARG A 324 -36.35 4.09 0.70
N VAL A 325 -35.99 5.20 0.06
CA VAL A 325 -34.59 5.61 -0.09
C VAL A 325 -34.35 6.85 0.75
N LYS A 326 -33.36 6.77 1.66
CA LYS A 326 -33.07 7.92 2.51
C LYS A 326 -32.20 8.96 1.82
N LEU A 327 -31.35 8.57 0.86
CA LEU A 327 -30.51 9.55 0.18
C LEU A 327 -30.09 9.04 -1.19
N ILE A 328 -30.25 9.89 -2.20
CA ILE A 328 -29.57 9.73 -3.49
C ILE A 328 -28.73 10.98 -3.70
N TYR A 329 -27.45 10.78 -3.96
CA TYR A 329 -26.49 11.86 -4.09
C TYR A 329 -25.78 11.75 -5.43
N LEU A 330 -25.69 12.86 -6.15
CA LEU A 330 -24.93 12.94 -7.39
C LEU A 330 -24.02 14.16 -7.34
N SER A 331 -22.78 13.99 -7.78
CA SER A 331 -21.86 15.11 -7.90
C SER A 331 -21.09 15.03 -9.22
N ILE A 332 -20.55 16.18 -9.61
CA ILE A 332 -19.78 16.32 -10.84
C ILE A 332 -18.94 17.58 -10.66
N GLY A 333 -17.77 17.60 -11.28
CA GLY A 333 -16.97 18.82 -11.28
C GLY A 333 -17.44 19.74 -12.38
N THR A 334 -17.42 21.06 -12.10
CA THR A 334 -17.91 21.99 -13.12
C THR A 334 -17.03 21.96 -14.37
N ALA A 335 -15.79 21.51 -14.26
CA ALA A 335 -14.83 21.55 -15.35
C ALA A 335 -14.58 20.19 -15.98
N GLU A 336 -15.44 19.21 -15.71
CA GLU A 336 -15.23 17.87 -16.25
C GLU A 336 -15.42 17.86 -17.76
N PRO A 337 -14.81 16.91 -18.46
CA PRO A 337 -15.05 16.77 -19.90
C PRO A 337 -16.54 16.73 -20.22
N THR A 338 -16.91 17.37 -21.33
CA THR A 338 -18.33 17.65 -21.60
C THR A 338 -19.18 16.38 -21.54
N ASN A 339 -18.70 15.27 -22.11
CA ASN A 339 -19.55 14.09 -22.14
C ASN A 339 -19.69 13.45 -20.75
N MET A 340 -18.68 13.63 -19.89
CA MET A 340 -18.81 13.16 -18.52
C MET A 340 -19.77 14.05 -17.75
N TYR A 341 -19.62 15.36 -17.89
CA TYR A 341 -20.53 16.31 -17.23
C TYR A 341 -21.97 16.02 -17.64
N GLN A 342 -22.20 15.94 -18.94
CA GLN A 342 -23.56 15.73 -19.46
C GLN A 342 -24.16 14.43 -18.93
N THR A 343 -23.38 13.37 -18.85
CA THR A 343 -23.95 12.09 -18.37
C THR A 343 -24.53 12.27 -16.97
N VAL A 344 -23.74 12.81 -16.05
CA VAL A 344 -24.24 12.95 -14.68
C VAL A 344 -25.26 14.07 -14.60
N ASN A 345 -25.03 15.17 -15.31
CA ASN A 345 -25.98 16.28 -15.25
C ASN A 345 -27.33 15.89 -15.83
N ASN A 346 -27.34 15.10 -16.92
CA ASN A 346 -28.62 14.66 -17.46
C ASN A 346 -29.31 13.66 -16.54
N PHE A 347 -28.55 12.85 -15.81
CA PHE A 347 -29.12 11.97 -14.78
C PHE A 347 -29.85 12.78 -13.72
N HIS A 348 -29.17 13.81 -13.22
CA HIS A 348 -29.77 14.77 -12.31
C HIS A 348 -31.08 15.34 -12.87
N LYS A 349 -31.08 15.75 -14.14
CA LYS A 349 -32.27 16.37 -14.70
C LYS A 349 -33.41 15.38 -14.85
N GLU A 350 -33.10 14.12 -15.18
CA GLU A 350 -34.15 13.10 -15.24
C GLU A 350 -34.76 12.87 -13.86
N PHE A 351 -33.94 12.92 -12.80
CA PHE A 351 -34.48 12.82 -11.46
C PHE A 351 -35.42 13.98 -11.16
N GLU A 352 -35.06 15.18 -11.61
CA GLU A 352 -35.91 16.34 -11.37
C GLU A 352 -37.24 16.20 -12.09
N LYS A 353 -37.19 15.80 -13.35
CA LYS A 353 -38.41 15.65 -14.15
C LYS A 353 -39.32 14.59 -13.56
N ALA A 354 -38.75 13.49 -13.07
CA ALA A 354 -39.53 12.42 -12.46
C ALA A 354 -39.95 12.75 -11.04
N GLY A 355 -39.37 13.79 -10.44
CA GLY A 355 -39.64 14.08 -9.06
C GLY A 355 -38.96 13.16 -8.07
N ILE A 356 -37.85 12.55 -8.46
CA ILE A 356 -37.10 11.68 -7.56
C ILE A 356 -36.19 12.57 -6.71
N LYS A 357 -36.36 12.50 -5.40
CA LYS A 357 -35.63 13.37 -4.48
C LYS A 357 -34.17 12.96 -4.41
N HIS A 358 -33.27 13.94 -4.50
CA HIS A 358 -31.84 13.67 -4.47
C HIS A 358 -31.12 14.97 -4.13
N VAL A 359 -29.83 14.82 -3.83
CA VAL A 359 -28.91 15.93 -3.59
C VAL A 359 -27.97 15.99 -4.78
N TYR A 360 -27.72 17.20 -5.27
CA TYR A 360 -26.91 17.41 -6.46
C TYR A 360 -25.86 18.46 -6.13
N TYR A 361 -24.61 18.15 -6.43
CA TYR A 361 -23.47 18.99 -6.08
C TYR A 361 -22.57 19.15 -7.29
N GLU A 362 -22.22 20.40 -7.63
CA GLU A 362 -21.18 20.68 -8.62
C GLU A 362 -19.95 21.21 -7.91
N SER A 363 -18.84 20.51 -8.06
CA SER A 363 -17.60 20.91 -7.39
C SER A 363 -16.97 22.07 -8.16
N PRO A 364 -16.80 23.24 -7.55
CA PRO A 364 -16.39 24.43 -8.32
C PRO A 364 -14.94 24.33 -8.79
N GLY A 365 -14.75 24.37 -10.11
CA GLY A 365 -13.45 24.56 -10.71
C GLY A 365 -12.64 23.30 -10.88
N THR A 366 -13.18 22.13 -10.56
CA THR A 366 -12.42 20.88 -10.67
C THR A 366 -12.98 19.98 -11.76
N SER A 367 -12.16 19.01 -12.17
CA SER A 367 -12.52 18.18 -13.30
C SER A 367 -12.70 16.73 -12.85
N HIS A 368 -12.43 15.77 -13.75
CA HIS A 368 -12.64 14.35 -13.47
C HIS A 368 -11.41 13.79 -12.73
N GLU A 369 -11.19 14.33 -11.53
CA GLU A 369 -9.96 14.13 -10.77
C GLU A 369 -10.29 14.09 -9.28
N TRP A 370 -9.29 13.68 -8.49
CA TRP A 370 -9.60 13.21 -7.13
C TRP A 370 -10.08 14.30 -6.19
N LEU A 371 -9.73 15.58 -6.41
CA LEU A 371 -10.26 16.62 -5.51
C LEU A 371 -11.78 16.70 -5.59
N THR A 372 -12.34 16.54 -6.79
CA THR A 372 -13.79 16.41 -6.94
C THR A 372 -14.31 15.30 -6.05
N TRP A 373 -13.58 14.20 -5.96
CA TRP A 373 -14.08 13.05 -5.22
C TRP A 373 -13.84 13.17 -3.73
N ARG A 374 -12.74 13.79 -3.29
CA ARG A 374 -12.60 14.11 -1.87
C ARG A 374 -13.70 15.06 -1.40
N ARG A 375 -13.99 16.08 -2.21
CA ARG A 375 -15.08 17.01 -1.85
C ARG A 375 -16.40 16.27 -1.75
N SER A 376 -16.65 15.36 -2.68
CA SER A 376 -17.90 14.61 -2.71
C SER A 376 -18.03 13.72 -1.48
N LEU A 377 -16.97 12.99 -1.12
CA LEU A 377 -17.03 12.17 0.08
C LEU A 377 -17.28 13.02 1.31
N ASN A 378 -16.64 14.18 1.38
CA ASN A 378 -16.81 15.04 2.55
C ASN A 378 -18.28 15.42 2.73
N GLN A 379 -18.95 15.81 1.65
CA GLN A 379 -20.38 16.17 1.74
C GLN A 379 -21.25 14.95 1.98
N PHE A 380 -20.99 13.87 1.25
CA PHE A 380 -21.83 12.68 1.31
C PHE A 380 -21.81 12.06 2.70
N ALA A 381 -20.62 11.94 3.29
CA ALA A 381 -20.53 11.28 4.60
C ALA A 381 -21.27 12.06 5.68
N GLU A 382 -21.32 13.39 5.55
CA GLU A 382 -22.08 14.19 6.52
C GLU A 382 -23.57 13.92 6.46
N LEU A 383 -24.06 13.48 5.30
CA LEU A 383 -25.49 13.23 5.13
C LEU A 383 -25.91 11.84 5.56
N LEU A 384 -24.96 10.93 5.77
CA LEU A 384 -25.27 9.52 5.96
C LEU A 384 -25.83 9.23 7.35
N PHE A 385 -26.80 8.31 7.38
CA PHE A 385 -27.27 7.66 8.61
C PHE A 385 -27.92 8.67 9.55
N LYS A 386 -28.62 9.63 8.96
CA LYS A 386 -29.36 10.64 9.71
C LYS A 386 -30.78 10.69 9.18
N GLU B 22 16.24 -17.72 -31.05
CA GLU B 22 16.28 -18.29 -32.41
C GLU B 22 14.83 -18.36 -32.92
N GLU B 23 13.98 -19.13 -32.23
CA GLU B 23 12.54 -18.95 -32.28
C GLU B 23 12.06 -18.33 -30.96
N ALA B 24 10.89 -17.71 -31.01
CA ALA B 24 10.31 -17.15 -29.80
C ALA B 24 9.70 -18.23 -28.92
N GLU B 25 9.49 -17.86 -27.66
CA GLU B 25 9.01 -18.79 -26.63
C GLU B 25 7.86 -18.12 -25.89
N VAL B 26 7.10 -18.92 -25.14
CA VAL B 26 6.03 -18.37 -24.31
C VAL B 26 6.17 -18.92 -22.90
N GLY B 27 5.59 -18.22 -21.93
CA GLY B 27 5.68 -18.64 -20.55
C GLY B 27 4.55 -18.11 -19.70
N ILE B 28 4.77 -18.12 -18.40
CA ILE B 28 3.74 -17.81 -17.40
C ILE B 28 3.95 -16.37 -16.92
N SER B 29 2.92 -15.52 -17.05
CA SER B 29 3.07 -14.15 -16.56
C SER B 29 3.38 -14.15 -15.06
N ALA B 30 4.34 -13.33 -14.66
CA ALA B 30 4.71 -13.29 -13.24
C ALA B 30 3.57 -12.72 -12.40
N SER B 31 3.51 -13.17 -11.14
CA SER B 31 2.42 -12.78 -10.24
C SER B 31 2.50 -11.30 -9.88
N THR B 32 3.67 -10.68 -10.06
CA THR B 32 3.89 -9.26 -9.83
C THR B 32 3.45 -8.39 -10.99
N ASN B 33 3.04 -8.96 -12.12
CA ASN B 33 2.50 -8.18 -13.23
C ASN B 33 1.22 -7.49 -12.82
N ILE B 34 0.98 -6.31 -13.38
CA ILE B 34 -0.32 -5.66 -13.16
C ILE B 34 -1.39 -6.47 -13.90
N PRO B 35 -2.66 -6.33 -13.52
CA PRO B 35 -3.72 -7.10 -14.19
C PRO B 35 -3.71 -6.89 -15.69
N GLY B 36 -3.80 -8.00 -16.43
CA GLY B 36 -3.82 -8.00 -17.87
C GLY B 36 -2.46 -7.89 -18.54
N ALA B 37 -1.41 -7.57 -17.80
CA ALA B 37 -0.10 -7.37 -18.42
C ALA B 37 0.52 -8.73 -18.73
N GLN B 38 0.84 -8.96 -20.01
CA GLN B 38 1.37 -10.25 -20.44
C GLN B 38 2.80 -10.48 -19.96
N TYR B 39 3.68 -9.44 -20.03
CA TYR B 39 5.10 -9.58 -19.73
C TYR B 39 5.46 -8.80 -18.46
N PRO B 40 6.44 -9.27 -17.68
CA PRO B 40 7.31 -10.43 -17.96
C PRO B 40 6.66 -11.77 -17.82
N GLN B 41 7.17 -12.73 -18.58
CA GLN B 41 6.77 -14.13 -18.52
C GLN B 41 7.97 -14.95 -18.05
N ILE B 42 7.69 -15.89 -17.16
CA ILE B 42 8.69 -16.85 -16.69
C ILE B 42 8.67 -18.03 -17.65
N LEU B 43 9.81 -18.27 -18.29
CA LEU B 43 9.98 -19.37 -19.23
C LEU B 43 10.49 -20.61 -18.50
N SER B 44 10.57 -21.73 -19.22
CA SER B 44 11.26 -22.89 -18.68
C SER B 44 12.68 -22.50 -18.24
N GLY B 45 13.15 -23.17 -17.19
CA GLY B 45 14.46 -22.85 -16.64
C GLY B 45 14.50 -21.57 -15.83
N ASN B 46 13.34 -20.93 -15.64
CA ASN B 46 13.22 -19.68 -14.90
C ASN B 46 13.96 -18.53 -15.56
N ARG B 47 14.22 -18.64 -16.87
CA ARG B 47 14.54 -17.49 -17.69
C ARG B 47 13.30 -16.60 -17.80
N VAL B 48 13.50 -15.29 -17.94
CA VAL B 48 12.39 -14.34 -17.95
C VAL B 48 12.37 -13.60 -19.29
N LEU B 49 11.19 -13.57 -19.92
CA LEU B 49 10.98 -12.88 -21.19
C LEU B 49 10.34 -11.52 -20.92
N PHE B 50 11.02 -10.45 -21.33
CA PHE B 50 10.49 -9.09 -21.27
C PHE B 50 10.18 -8.62 -22.68
N ARG B 51 9.10 -7.86 -22.82
CA ARG B 51 8.76 -7.31 -24.15
C ARG B 51 8.03 -5.98 -23.92
N ILE B 52 8.55 -4.90 -24.47
CA ILE B 52 7.92 -3.57 -24.22
C ILE B 52 7.83 -2.77 -25.52
N LYS B 53 6.74 -2.04 -25.70
CA LYS B 53 6.57 -1.15 -26.85
C LYS B 53 7.27 0.16 -26.53
N ALA B 54 8.22 0.54 -27.37
CA ALA B 54 8.96 1.80 -27.22
C ALA B 54 9.52 2.13 -28.59
N PRO B 55 8.65 2.40 -29.58
CA PRO B 55 9.07 2.62 -30.94
C PRO B 55 10.04 3.78 -31.15
N ASP B 56 9.96 4.82 -30.33
CA ASP B 56 10.87 5.98 -30.51
C ASP B 56 12.10 5.94 -29.62
N ALA B 57 12.31 4.87 -28.86
CA ALA B 57 13.47 4.84 -27.99
C ALA B 57 14.74 4.46 -28.76
N LYS B 58 15.87 4.97 -28.26
CA LYS B 58 17.16 4.62 -28.83
C LYS B 58 17.75 3.37 -28.18
N ARG B 59 17.50 3.15 -26.89
CA ARG B 59 18.03 2.00 -26.18
C ARG B 59 17.04 1.57 -25.10
N VAL B 60 16.83 0.27 -24.95
CA VAL B 60 15.96 -0.27 -23.89
C VAL B 60 16.68 -1.42 -23.20
N GLN B 61 16.82 -1.33 -21.88
CA GLN B 61 17.47 -2.36 -21.09
C GLN B 61 16.56 -2.79 -19.95
N VAL B 62 16.81 -4.00 -19.42
CA VAL B 62 16.23 -4.45 -18.15
C VAL B 62 17.38 -4.83 -17.21
N ASP B 63 17.27 -4.37 -15.96
CA ASP B 63 18.27 -4.61 -14.93
C ASP B 63 17.68 -5.58 -13.92
N LEU B 64 18.02 -6.86 -14.06
CA LEU B 64 17.48 -7.93 -13.23
C LEU B 64 18.64 -8.87 -12.97
N GLY B 65 19.29 -8.69 -11.82
CA GLY B 65 20.55 -9.35 -11.52
C GLY B 65 21.70 -8.64 -12.19
N LYS B 66 21.60 -8.47 -13.51
CA LYS B 66 22.53 -7.66 -14.28
C LYS B 66 21.74 -6.95 -15.38
N LYS B 67 22.39 -6.06 -16.12
CA LYS B 67 21.71 -5.35 -17.18
C LYS B 67 21.74 -6.17 -18.47
N TYR B 68 20.59 -6.22 -19.14
CA TYR B 68 20.49 -6.82 -20.47
C TYR B 68 20.00 -5.77 -21.45
N ASP B 69 20.55 -5.82 -22.65
CA ASP B 69 20.06 -4.92 -23.72
C ASP B 69 18.94 -5.66 -24.45
N MET B 70 17.81 -5.02 -24.62
CA MET B 70 16.70 -5.62 -25.40
C MET B 70 17.00 -5.38 -26.88
N VAL B 71 16.38 -6.19 -27.74
CA VAL B 71 16.56 -6.11 -29.20
C VAL B 71 15.27 -5.56 -29.78
N ARG B 72 15.38 -4.54 -30.63
CA ARG B 72 14.21 -3.92 -31.25
C ARG B 72 13.59 -4.93 -32.20
N GLU B 73 12.28 -5.16 -32.11
CA GLU B 73 11.58 -6.09 -33.02
C GLU B 73 10.88 -5.29 -34.12
N GLU B 74 9.91 -5.91 -34.79
CA GLU B 74 9.19 -5.34 -35.96
C GLU B 74 8.45 -4.02 -35.73
N GLU B 75 7.42 -4.02 -34.87
CA GLU B 75 6.56 -2.82 -34.72
C GLU B 75 7.03 -1.89 -33.60
N GLY B 76 8.32 -1.83 -33.32
CA GLY B 76 8.77 -0.92 -32.26
C GLY B 76 8.78 -1.60 -30.90
N SER B 77 8.49 -2.90 -30.87
CA SER B 77 8.61 -3.68 -29.65
C SER B 77 10.05 -4.09 -29.43
N TRP B 78 10.47 -4.06 -28.18
CA TRP B 78 11.79 -4.51 -27.75
C TRP B 78 11.61 -5.77 -26.92
N ALA B 79 12.54 -6.72 -27.02
CA ALA B 79 12.40 -7.93 -26.21
C ALA B 79 13.77 -8.45 -25.83
N ILE B 80 13.82 -9.16 -24.71
CA ILE B 80 15.00 -9.93 -24.34
C ILE B 80 14.55 -11.06 -23.43
N THR B 81 15.29 -12.15 -23.48
CA THR B 81 15.17 -13.25 -22.54
C THR B 81 16.42 -13.26 -21.66
N THR B 82 16.21 -13.29 -20.35
CA THR B 82 17.32 -13.21 -19.41
C THR B 82 17.99 -14.59 -19.24
N ASP B 83 19.11 -14.60 -18.51
CA ASP B 83 19.62 -15.84 -17.92
C ASP B 83 18.58 -16.42 -16.97
N PRO B 84 18.71 -17.68 -16.55
CA PRO B 84 17.87 -18.18 -15.46
C PRO B 84 17.96 -17.27 -14.24
N ILE B 85 16.80 -16.93 -13.69
CA ILE B 85 16.70 -16.07 -12.51
C ILE B 85 16.50 -16.96 -11.31
N VAL B 86 17.24 -16.67 -10.23
N VAL B 86 17.25 -16.70 -10.23
CA VAL B 86 17.11 -17.42 -8.99
CA VAL B 86 17.09 -17.51 -9.04
C VAL B 86 15.68 -17.27 -8.43
C VAL B 86 15.71 -17.30 -8.44
N GLU B 87 15.18 -18.35 -7.83
CA GLU B 87 13.83 -18.28 -7.28
C GLU B 87 13.77 -17.27 -6.13
N GLY B 88 12.61 -16.65 -5.98
CA GLY B 88 12.38 -15.64 -4.96
C GLY B 88 11.92 -14.30 -5.50
N PHE B 89 12.13 -13.24 -4.73
CA PHE B 89 11.73 -11.89 -5.07
C PHE B 89 12.95 -11.08 -5.52
N HIS B 90 12.78 -10.29 -6.58
CA HIS B 90 13.87 -9.44 -7.06
C HIS B 90 13.36 -8.06 -7.43
N TYR B 91 13.97 -7.01 -6.87
CA TYR B 91 13.78 -5.69 -7.45
C TYR B 91 14.35 -5.69 -8.86
N TYR B 92 13.76 -4.88 -9.73
CA TYR B 92 14.30 -4.71 -11.07
C TYR B 92 13.89 -3.36 -11.62
N SER B 93 14.54 -2.97 -12.72
CA SER B 93 14.25 -1.71 -13.39
C SER B 93 14.28 -1.94 -14.88
N ILE B 94 13.55 -1.08 -15.59
CA ILE B 94 13.66 -0.92 -17.03
C ILE B 94 14.47 0.35 -17.23
N LEU B 95 15.35 0.36 -18.23
CA LEU B 95 16.10 1.56 -18.55
C LEU B 95 15.78 1.98 -19.97
N ILE B 96 15.23 3.18 -20.12
CA ILE B 96 15.00 3.79 -21.42
C ILE B 96 16.09 4.85 -21.61
N ASP B 97 16.94 4.66 -22.62
CA ASP B 97 18.08 5.55 -22.87
C ASP B 97 18.86 5.79 -21.57
N GLY B 98 19.12 4.72 -20.83
CA GLY B 98 19.89 4.82 -19.59
C GLY B 98 19.16 5.35 -18.38
N VAL B 99 17.87 5.67 -18.48
CA VAL B 99 17.09 6.18 -17.36
C VAL B 99 16.37 5.02 -16.70
N ALA B 100 16.70 4.74 -15.43
CA ALA B 100 16.12 3.62 -14.70
C ALA B 100 14.76 4.00 -14.12
N VAL B 101 13.73 3.24 -14.49
CA VAL B 101 12.35 3.55 -14.12
C VAL B 101 11.64 2.26 -13.71
N CYS B 102 10.44 2.44 -13.16
CA CYS B 102 9.52 1.34 -12.95
C CYS B 102 9.03 0.79 -14.29
N ASP B 103 8.95 -0.53 -14.39
CA ASP B 103 8.32 -1.16 -15.55
C ASP B 103 6.82 -0.84 -15.55
N PRO B 104 6.27 -0.24 -16.61
CA PRO B 104 4.81 -0.01 -16.64
C PRO B 104 3.99 -1.27 -16.48
N ALA B 105 4.59 -2.45 -16.71
CA ALA B 105 3.84 -3.69 -16.64
C ALA B 105 3.74 -4.31 -15.25
N SER B 106 4.45 -3.79 -14.26
CA SER B 106 4.57 -4.50 -12.99
C SER B 106 4.10 -3.62 -11.85
N ARG B 107 3.75 -4.26 -10.74
N ARG B 107 3.77 -4.27 -10.74
CA ARG B 107 3.47 -3.47 -9.54
CA ARG B 107 3.52 -3.57 -9.49
C ARG B 107 4.79 -2.92 -8.98
C ARG B 107 4.81 -2.87 -9.03
N THR B 108 4.65 -1.97 -8.06
CA THR B 108 5.80 -1.28 -7.50
C THR B 108 5.92 -1.56 -6.01
N PHE B 109 7.14 -1.34 -5.52
CA PHE B 109 7.53 -1.57 -4.14
C PHE B 109 8.45 -0.44 -3.77
N TYR B 110 8.48 -0.06 -2.49
CA TYR B 110 9.44 0.94 -2.04
C TYR B 110 10.74 0.24 -1.68
N GLY B 111 11.75 0.41 -2.55
CA GLY B 111 13.06 -0.18 -2.33
C GLY B 111 14.09 0.62 -3.09
N MET B 112 15.35 0.46 -2.70
CA MET B 112 16.42 1.27 -3.30
C MET B 112 16.10 2.77 -3.20
N SER B 113 15.40 3.15 -2.11
CA SER B 113 15.02 4.55 -1.81
C SER B 113 14.14 5.18 -2.88
N ARG B 114 13.35 4.38 -3.59
CA ARG B 114 12.36 4.93 -4.51
C ARG B 114 11.29 3.87 -4.70
N MET B 115 10.27 4.20 -5.49
CA MET B 115 9.38 3.17 -5.99
C MET B 115 10.10 2.43 -7.11
N ALA B 116 10.04 1.10 -7.07
CA ALA B 116 10.76 0.25 -8.02
C ALA B 116 9.88 -0.95 -8.36
N SER B 117 10.10 -1.50 -9.55
CA SER B 117 9.46 -2.75 -9.92
C SER B 117 10.01 -3.92 -9.10
N GLY B 118 9.19 -4.94 -8.97
CA GLY B 118 9.67 -6.20 -8.45
C GLY B 118 9.11 -7.34 -9.27
N ILE B 119 9.80 -8.49 -9.24
CA ILE B 119 9.33 -9.69 -9.91
C ILE B 119 9.45 -10.88 -8.97
N GLU B 120 8.43 -11.74 -8.97
CA GLU B 120 8.41 -12.94 -8.14
C GLU B 120 8.66 -14.16 -9.02
N ILE B 121 9.61 -15.00 -8.62
CA ILE B 121 9.93 -16.25 -9.30
C ILE B 121 9.59 -17.39 -8.35
N PRO B 122 8.57 -18.21 -8.62
CA PRO B 122 8.09 -19.15 -7.61
C PRO B 122 9.05 -20.32 -7.41
N GLU B 123 8.94 -20.92 -6.21
CA GLU B 123 9.63 -22.17 -5.85
C GLU B 123 8.59 -23.28 -5.85
N GLU B 124 8.78 -24.29 -6.70
CA GLU B 124 7.78 -25.35 -6.78
C GLU B 124 7.69 -26.11 -5.46
N GLY B 125 6.46 -26.33 -5.00
CA GLY B 125 6.22 -27.01 -3.74
C GLY B 125 6.44 -26.20 -2.49
N VAL B 126 6.88 -24.95 -2.59
CA VAL B 126 7.06 -24.07 -1.42
C VAL B 126 5.92 -23.06 -1.38
N ASP B 127 5.17 -23.03 -0.27
CA ASP B 127 4.06 -22.07 -0.23
C ASP B 127 3.77 -21.51 1.16
N TYR B 128 4.74 -21.55 2.10
CA TYR B 128 4.45 -20.98 3.41
C TYR B 128 4.21 -19.48 3.37
N TYR B 129 4.65 -18.79 2.30
CA TYR B 129 4.37 -17.37 2.13
C TYR B 129 3.23 -17.08 1.14
N ASN B 130 2.43 -18.09 0.81
CA ASN B 130 1.25 -17.90 -0.04
C ASN B 130 -0.03 -17.95 0.78
N LEU B 131 -1.08 -17.37 0.21
CA LEU B 131 -2.38 -17.31 0.88
C LEU B 131 -3.02 -18.68 0.87
N LYS B 132 -3.45 -19.14 2.05
CA LYS B 132 -4.09 -20.43 2.18
C LYS B 132 -5.46 -20.25 2.83
N ASN B 133 -6.30 -21.29 2.70
CA ASN B 133 -7.60 -21.25 3.35
C ASN B 133 -7.42 -21.60 4.82
N VAL B 134 -6.95 -20.61 5.57
CA VAL B 134 -6.71 -20.70 7.01
C VAL B 134 -7.28 -19.44 7.65
N PRO B 135 -7.51 -19.44 8.95
CA PRO B 135 -7.91 -18.20 9.62
C PRO B 135 -6.84 -17.13 9.43
N HIS B 136 -7.27 -15.93 9.06
CA HIS B 136 -6.36 -14.87 8.65
C HIS B 136 -6.34 -13.75 9.68
N GLY B 137 -5.14 -13.24 9.95
CA GLY B 137 -4.98 -12.02 10.71
C GLY B 137 -5.28 -10.82 9.83
N GLN B 138 -4.97 -9.65 10.36
CA GLN B 138 -5.21 -8.40 9.66
C GLN B 138 -4.01 -7.48 9.85
N ILE B 139 -3.61 -6.82 8.77
CA ILE B 139 -2.60 -5.77 8.85
C ILE B 139 -3.34 -4.45 8.86
N ARG B 140 -3.13 -3.64 9.90
CA ARG B 140 -3.80 -2.36 10.00
C ARG B 140 -2.79 -1.22 10.01
N GLN B 141 -3.22 -0.08 9.50
CA GLN B 141 -2.40 1.12 9.46
C GLN B 141 -2.74 1.98 10.66
N ILE B 142 -1.72 2.37 11.42
CA ILE B 142 -1.94 3.28 12.54
C ILE B 142 -1.02 4.48 12.36
N ARG B 143 -1.56 5.65 12.65
CA ARG B 143 -0.82 6.90 12.53
C ARG B 143 -0.57 7.48 13.92
N TYR B 144 0.54 8.18 14.04
CA TYR B 144 0.85 8.84 15.30
C TYR B 144 1.78 10.01 15.00
N PHE B 145 1.73 11.02 15.85
CA PHE B 145 2.58 12.20 15.68
C PHE B 145 3.75 12.10 16.64
N SER B 146 4.96 12.18 16.11
CA SER B 146 6.14 11.88 16.93
C SER B 146 6.63 13.18 17.55
N ASP B 147 6.90 13.17 18.85
CA ASP B 147 7.56 14.32 19.45
C ASP B 147 9.02 14.42 19.03
N VAL B 148 9.69 13.28 18.84
CA VAL B 148 11.10 13.31 18.44
C VAL B 148 11.25 14.01 17.09
N THR B 149 10.45 13.60 16.09
CA THR B 149 10.60 14.14 14.75
C THR B 149 9.64 15.27 14.42
N LYS B 150 8.65 15.53 15.29
CA LYS B 150 7.60 16.52 15.01
C LYS B 150 7.02 16.33 13.62
N ALA B 151 6.77 15.07 13.27
CA ALA B 151 6.19 14.71 11.98
C ALA B 151 5.23 13.55 12.19
N TRP B 152 4.23 13.47 11.32
CA TRP B 152 3.32 12.33 11.36
C TRP B 152 4.04 11.08 10.87
N ARG B 153 3.85 9.98 11.60
CA ARG B 153 4.46 8.69 11.27
C ARG B 153 3.37 7.64 11.09
N ARG B 154 3.75 6.52 10.49
CA ARG B 154 2.80 5.45 10.20
C ARG B 154 3.47 4.11 10.49
N ALA B 155 2.76 3.25 11.22
CA ALA B 155 3.18 1.86 11.40
C ALA B 155 2.10 0.94 10.87
N PHE B 156 2.50 -0.27 10.49
CA PHE B 156 1.55 -1.31 10.14
C PHE B 156 1.60 -2.35 11.24
N VAL B 157 0.44 -2.76 11.73
CA VAL B 157 0.34 -3.67 12.86
C VAL B 157 -0.49 -4.87 12.44
N TYR B 158 0.14 -6.03 12.45
CA TYR B 158 -0.55 -7.30 12.22
C TYR B 158 -1.16 -7.76 13.53
N THR B 159 -2.47 -8.01 13.52
CA THR B 159 -3.06 -8.71 14.64
C THR B 159 -3.48 -10.11 14.20
N PRO B 160 -3.31 -11.13 15.03
CA PRO B 160 -3.53 -12.51 14.57
C PRO B 160 -5.01 -12.80 14.42
N ALA B 161 -5.29 -13.92 13.76
CA ALA B 161 -6.68 -14.35 13.56
C ALA B 161 -7.38 -14.45 14.91
N GLY B 162 -8.65 -14.02 14.93
CA GLY B 162 -9.46 -14.05 16.12
C GLY B 162 -9.24 -12.90 17.09
N TYR B 163 -8.40 -11.92 16.75
CA TYR B 163 -8.04 -10.87 17.70
C TYR B 163 -9.26 -10.11 18.20
N ASP B 164 -10.14 -9.70 17.28
CA ASP B 164 -11.28 -8.88 17.67
C ASP B 164 -12.26 -9.65 18.55
N ALA B 165 -12.43 -10.94 18.29
CA ALA B 165 -13.41 -11.73 19.02
C ALA B 165 -12.93 -12.15 20.41
N ASN B 166 -11.63 -12.37 20.59
CA ASN B 166 -11.10 -12.89 21.85
C ASN B 166 -10.62 -11.75 22.74
N THR B 167 -11.59 -10.95 23.19
CA THR B 167 -11.31 -9.71 23.91
C THR B 167 -10.64 -9.93 25.26
N SER B 168 -10.66 -11.15 25.79
CA SER B 168 -9.93 -11.45 27.01
C SER B 168 -8.48 -11.83 26.77
N GLN B 169 -8.11 -12.13 25.53
CA GLN B 169 -6.77 -12.57 25.23
C GLN B 169 -5.85 -11.37 25.03
N ARG B 170 -4.60 -11.52 25.50
CA ARG B 170 -3.53 -10.58 25.25
C ARG B 170 -2.39 -11.30 24.54
N TYR B 171 -1.51 -10.53 23.88
CA TYR B 171 -0.60 -11.10 22.92
C TYR B 171 0.82 -10.59 23.07
N PRO B 172 1.82 -11.43 22.84
CA PRO B 172 3.19 -10.94 22.73
C PRO B 172 3.36 -10.17 21.41
N VAL B 173 4.45 -9.40 21.34
CA VAL B 173 4.65 -8.47 20.23
C VAL B 173 6.06 -8.64 19.66
N LEU B 174 6.15 -8.71 18.33
CA LEU B 174 7.42 -8.65 17.61
C LEU B 174 7.50 -7.34 16.85
N TYR B 175 8.57 -6.58 17.09
CA TYR B 175 8.86 -5.37 16.33
C TYR B 175 9.81 -5.75 15.20
N LEU B 176 9.37 -5.52 13.96
CA LEU B 176 9.96 -6.11 12.76
C LEU B 176 10.31 -5.00 11.78
N GLN B 177 11.60 -4.88 11.44
CA GLN B 177 12.09 -3.74 10.69
C GLN B 177 12.66 -4.12 9.32
N HIS B 178 12.50 -3.18 8.38
CA HIS B 178 12.92 -3.28 7.00
C HIS B 178 14.40 -2.90 6.86
N GLY B 179 14.92 -2.99 5.63
CA GLY B 179 16.32 -2.67 5.36
C GLY B 179 16.54 -1.26 4.86
N GLY B 180 17.81 -0.94 4.65
CA GLY B 180 18.15 0.35 4.07
C GLY B 180 17.44 0.57 2.74
N GLY B 181 16.99 1.80 2.52
CA GLY B 181 16.29 2.15 1.30
C GLY B 181 14.88 1.63 1.17
N GLU B 182 14.34 1.01 2.22
CA GLU B 182 12.97 0.51 2.22
C GLU B 182 12.16 1.31 3.24
N ASP B 183 10.93 0.88 3.50
CA ASP B 183 10.10 1.58 4.48
C ASP B 183 9.12 0.59 5.13
N GLU B 184 8.19 1.11 5.94
CA GLU B 184 7.30 0.26 6.71
C GLU B 184 6.37 -0.59 5.84
N THR B 185 6.25 -0.29 4.54
CA THR B 185 5.45 -1.15 3.66
C THR B 185 6.20 -2.41 3.21
N GLY B 186 7.48 -2.55 3.58
CA GLY B 186 8.30 -3.64 3.07
C GLY B 186 7.82 -5.00 3.53
N TRP B 187 7.67 -5.19 4.82
CA TRP B 187 7.32 -6.52 5.31
C TRP B 187 5.90 -6.92 4.91
N PRO B 188 4.93 -6.00 4.84
CA PRO B 188 3.60 -6.41 4.32
C PRO B 188 3.61 -6.78 2.86
N ASN B 189 4.49 -6.19 2.05
CA ASN B 189 4.47 -6.38 0.61
C ASN B 189 5.56 -7.34 0.15
N GLN B 190 6.78 -6.83 -0.07
CA GLN B 190 7.93 -7.71 -0.38
C GLN B 190 7.99 -8.90 0.58
N GLY B 191 7.68 -8.68 1.86
CA GLY B 191 7.82 -9.70 2.87
C GLY B 191 6.71 -10.73 2.94
N LYS B 192 5.55 -10.45 2.34
CA LYS B 192 4.39 -11.34 2.43
C LYS B 192 4.14 -11.78 3.87
N MET B 193 4.35 -10.86 4.82
CA MET B 193 4.47 -11.31 6.20
C MET B 193 3.16 -11.87 6.73
N ASP B 194 2.00 -11.40 6.23
CA ASP B 194 0.75 -11.88 6.79
C ASP B 194 0.50 -13.33 6.41
N ALA B 195 0.86 -13.72 5.18
CA ALA B 195 0.79 -15.15 4.84
C ALA B 195 1.73 -15.96 5.73
N ILE B 196 2.95 -15.48 5.90
CA ILE B 196 3.93 -16.24 6.69
C ILE B 196 3.42 -16.46 8.11
N ILE B 197 2.95 -15.39 8.76
CA ILE B 197 2.54 -15.54 10.15
C ILE B 197 1.19 -16.25 10.25
N ASP B 198 0.23 -15.91 9.38
CA ASP B 198 -1.04 -16.64 9.36
C ASP B 198 -0.81 -18.14 9.32
N ASN B 199 0.09 -18.56 8.43
CA ASN B 199 0.27 -19.99 8.19
C ASN B 199 0.96 -20.67 9.37
N LEU B 200 1.99 -20.04 9.94
CA LEU B 200 2.64 -20.57 11.12
C LEU B 200 1.65 -20.73 12.27
N ILE B 201 0.85 -19.70 12.52
CA ILE B 201 -0.10 -19.77 13.63
C ILE B 201 -1.12 -20.86 13.38
N ALA B 202 -1.65 -20.93 12.16
CA ALA B 202 -2.70 -21.90 11.86
C ALA B 202 -2.19 -23.33 11.97
N GLU B 203 -0.90 -23.54 11.72
CA GLU B 203 -0.29 -24.86 11.78
C GLU B 203 0.26 -25.17 13.16
N GLY B 204 0.06 -24.28 14.11
CA GLY B 204 0.54 -24.49 15.48
C GLY B 204 2.05 -24.38 15.64
N LYS B 205 2.75 -23.81 14.67
CA LYS B 205 4.22 -23.72 14.73
C LYS B 205 4.67 -22.42 15.43
N ALA B 206 3.79 -21.44 15.48
CA ALA B 206 4.11 -20.17 16.16
C ALA B 206 2.95 -19.76 17.03
N LYS B 207 3.25 -19.14 18.16
CA LYS B 207 2.19 -18.66 19.03
C LYS B 207 1.51 -17.45 18.42
N PRO B 208 0.21 -17.26 18.69
CA PRO B 208 -0.46 -16.03 18.24
C PRO B 208 0.29 -14.82 18.74
N MET B 209 0.54 -13.87 17.84
CA MET B 209 1.38 -12.73 18.17
C MET B 209 0.99 -11.52 17.34
N ILE B 210 1.29 -10.34 17.88
CA ILE B 210 1.15 -9.08 17.18
C ILE B 210 2.49 -8.72 16.57
N VAL B 211 2.50 -8.19 15.35
CA VAL B 211 3.75 -7.77 14.70
C VAL B 211 3.63 -6.31 14.32
N VAL B 212 4.62 -5.52 14.75
CA VAL B 212 4.64 -4.07 14.53
C VAL B 212 5.75 -3.75 13.54
N MET B 213 5.39 -3.05 12.46
CA MET B 213 6.32 -2.72 11.39
C MET B 213 6.33 -1.20 11.21
N ASP B 214 7.44 -0.56 11.59
CA ASP B 214 7.54 0.89 11.54
C ASP B 214 8.62 1.29 10.53
N ASN B 215 9.00 2.57 10.55
CA ASN B 215 9.95 3.14 9.61
C ASN B 215 11.31 3.29 10.29
N GLY B 216 12.36 2.78 9.66
CA GLY B 216 13.68 2.76 10.26
C GLY B 216 14.49 4.03 10.12
N TYR B 217 13.84 5.14 9.78
CA TYR B 217 14.50 6.44 9.72
C TYR B 217 13.77 7.40 10.65
N ALA B 218 14.53 8.25 11.35
CA ALA B 218 13.93 9.27 12.19
C ALA B 218 14.89 10.44 12.29
N VAL B 219 14.40 11.63 11.98
CA VAL B 219 15.22 12.84 11.94
C VAL B 219 14.64 13.83 12.95
N ASP B 220 15.45 14.23 13.93
CA ASP B 220 15.07 15.31 14.84
C ASP B 220 15.28 16.65 14.13
N PRO B 221 14.22 17.42 13.88
CA PRO B 221 14.39 18.69 13.15
C PRO B 221 15.26 19.70 13.87
N SER B 222 15.42 19.57 15.19
N SER B 222 15.42 19.57 15.19
CA SER B 222 16.26 20.50 15.95
CA SER B 222 16.27 20.51 15.93
C SER B 222 17.72 20.06 15.99
C SER B 222 17.73 20.07 15.97
N ALA B 223 18.05 18.88 15.48
CA ALA B 223 19.43 18.41 15.45
C ALA B 223 20.24 19.19 14.42
N SER B 239 20.17 8.41 19.95
CA SER B 239 19.67 8.24 18.59
C SER B 239 18.17 8.56 18.51
N ALA B 240 17.79 9.35 17.51
CA ALA B 240 16.40 9.75 17.36
C ALA B 240 15.50 8.51 17.19
N LEU B 241 15.94 7.53 16.38
CA LEU B 241 15.11 6.36 16.16
C LEU B 241 14.93 5.55 17.43
N GLU B 242 15.97 5.46 18.27
CA GLU B 242 15.82 4.73 19.53
C GLU B 242 14.76 5.36 20.41
N LYS B 243 14.75 6.69 20.50
CA LYS B 243 13.74 7.37 21.31
C LYS B 243 12.34 7.16 20.73
N VAL B 244 12.23 7.16 19.40
CA VAL B 244 10.93 6.89 18.79
C VAL B 244 10.42 5.53 19.26
N PHE B 245 11.28 4.51 19.22
CA PHE B 245 10.84 3.18 19.61
C PHE B 245 10.52 3.11 21.09
N ILE B 246 11.43 3.60 21.94
CA ILE B 246 11.24 3.41 23.37
C ILE B 246 10.19 4.37 23.92
N ASN B 247 10.18 5.61 23.45
CA ASN B 247 9.30 6.61 24.01
C ASN B 247 7.95 6.71 23.31
N GLU B 248 7.83 6.24 22.06
CA GLU B 248 6.62 6.47 21.28
C GLU B 248 5.97 5.18 20.80
N ILE B 249 6.68 4.37 20.01
CA ILE B 249 6.05 3.23 19.37
C ILE B 249 5.62 2.18 20.40
N ILE B 250 6.55 1.75 21.27
CA ILE B 250 6.22 0.70 22.24
C ILE B 250 5.10 1.16 23.17
N PRO B 251 5.16 2.37 23.77
CA PRO B 251 4.00 2.80 24.58
C PRO B 251 2.71 2.89 23.77
N LEU B 252 2.77 3.31 22.51
CA LEU B 252 1.55 3.43 21.72
C LEU B 252 0.90 2.07 21.49
N VAL B 253 1.72 1.08 21.10
CA VAL B 253 1.23 -0.27 20.85
C VAL B 253 0.67 -0.90 22.12
N ASP B 254 1.37 -0.72 23.24
CA ASP B 254 0.90 -1.29 24.50
C ASP B 254 -0.40 -0.66 24.98
N LYS B 255 -0.70 0.57 24.54
CA LYS B 255 -1.94 1.21 24.93
C LYS B 255 -3.07 0.89 23.95
N GLU B 256 -2.78 0.83 22.66
CA GLU B 256 -3.81 0.64 21.65
C GLU B 256 -4.20 -0.81 21.46
N PHE B 257 -3.30 -1.74 21.75
CA PHE B 257 -3.53 -3.15 21.52
C PHE B 257 -3.43 -3.92 22.84
N ARG B 258 -4.07 -5.09 22.87
CA ARG B 258 -4.06 -5.94 24.06
C ARG B 258 -2.76 -6.76 24.05
N THR B 259 -1.69 -6.12 24.49
CA THR B 259 -0.37 -6.74 24.50
C THR B 259 -0.02 -7.25 25.89
N ILE B 260 0.88 -8.22 25.92
CA ILE B 260 1.53 -8.64 27.17
C ILE B 260 2.81 -7.80 27.24
N ALA B 261 2.76 -6.73 28.06
CA ALA B 261 3.76 -5.67 27.98
C ALA B 261 4.91 -5.94 28.96
N ASP B 262 5.69 -6.97 28.64
CA ASP B 262 6.92 -7.22 29.38
C ASP B 262 7.93 -7.88 28.46
N ARG B 263 9.19 -7.90 28.92
CA ARG B 263 10.29 -8.32 28.07
C ARG B 263 10.17 -9.78 27.63
N ASP B 264 9.54 -10.63 28.44
CA ASP B 264 9.39 -12.02 28.05
C ASP B 264 8.40 -12.19 26.92
N HIS B 265 7.66 -11.13 26.57
CA HIS B 265 6.69 -11.17 25.50
C HIS B 265 6.91 -10.04 24.51
N ARG B 266 8.17 -9.62 24.35
CA ARG B 266 8.53 -8.57 23.39
C ARG B 266 9.82 -8.93 22.70
N ALA B 267 9.79 -8.95 21.36
CA ALA B 267 10.94 -9.28 20.54
C ALA B 267 11.17 -8.17 19.52
N MET B 268 12.41 -8.08 19.01
CA MET B 268 12.74 -7.15 17.95
C MET B 268 13.67 -7.80 16.94
N ALA B 269 13.36 -7.62 15.66
CA ALA B 269 14.17 -8.19 14.60
C ALA B 269 14.10 -7.28 13.38
N GLY B 270 15.08 -7.43 12.50
CA GLY B 270 15.10 -6.64 11.28
C GLY B 270 16.06 -7.23 10.27
N LEU B 271 15.93 -6.75 9.04
CA LEU B 271 16.81 -7.19 7.96
C LEU B 271 17.78 -6.08 7.61
N SER B 272 19.02 -6.48 7.32
CA SER B 272 20.13 -5.61 6.93
C SER B 272 20.17 -4.47 7.95
N MET B 273 20.06 -3.21 7.50
CA MET B 273 19.99 -2.07 8.43
C MET B 273 19.07 -2.33 9.62
N GLY B 274 17.88 -2.88 9.36
CA GLY B 274 16.94 -3.12 10.45
C GLY B 274 17.45 -4.13 11.47
N GLY B 275 18.30 -5.07 11.02
CA GLY B 275 18.91 -5.99 11.96
C GLY B 275 19.95 -5.30 12.83
N PHE B 276 20.79 -4.44 12.24
CA PHE B 276 21.67 -3.62 13.05
C PHE B 276 20.89 -2.79 14.06
N GLN B 277 19.75 -2.23 13.65
CA GLN B 277 18.93 -1.45 14.57
C GLN B 277 18.32 -2.31 15.66
N ALA B 278 17.89 -3.54 15.32
CA ALA B 278 17.32 -4.42 16.33
C ALA B 278 18.33 -4.72 17.43
N PHE B 279 19.55 -5.04 17.06
CA PHE B 279 20.57 -5.31 18.06
C PHE B 279 20.87 -4.06 18.88
N GLN B 280 21.11 -2.93 18.21
CA GLN B 280 21.42 -1.69 18.94
C GLN B 280 20.33 -1.34 19.93
N ILE B 281 19.07 -1.37 19.49
CA ILE B 281 17.98 -0.95 20.37
C ILE B 281 17.74 -1.99 21.46
N ALA B 282 17.70 -3.27 21.10
CA ALA B 282 17.37 -4.28 22.10
C ALA B 282 18.52 -4.46 23.10
N MET B 283 19.75 -4.44 22.62
CA MET B 283 20.89 -4.64 23.53
C MET B 283 21.09 -3.48 24.49
N THR B 284 20.62 -2.28 24.14
CA THR B 284 20.67 -1.16 25.08
C THR B 284 19.37 -0.98 25.85
N ASN B 285 18.36 -1.82 25.59
CA ASN B 285 17.10 -1.82 26.32
C ASN B 285 16.69 -3.24 26.64
N LEU B 286 17.63 -4.02 27.20
CA LEU B 286 17.34 -5.41 27.56
C LEU B 286 16.22 -5.54 28.58
N ASP B 287 15.94 -4.49 29.35
CA ASP B 287 14.77 -4.50 30.22
C ASP B 287 13.48 -4.59 29.42
N LYS B 288 13.51 -4.31 28.12
CA LYS B 288 12.31 -4.29 27.30
C LYS B 288 12.17 -5.49 26.37
N PHE B 289 13.25 -6.24 26.12
CA PHE B 289 13.23 -7.29 25.11
C PHE B 289 13.96 -8.53 25.61
N ALA B 290 13.39 -9.70 25.36
CA ALA B 290 14.11 -10.94 25.61
C ALA B 290 14.50 -11.69 24.33
N TYR B 291 14.08 -11.24 23.15
CA TYR B 291 14.40 -11.92 21.89
C TYR B 291 14.86 -10.90 20.86
N VAL B 292 15.92 -11.24 20.12
CA VAL B 292 16.53 -10.35 19.15
C VAL B 292 16.91 -11.13 17.91
N GLY B 293 16.62 -10.56 16.75
CA GLY B 293 16.93 -11.22 15.48
C GLY B 293 17.57 -10.27 14.49
N GLY B 294 18.61 -10.76 13.82
CA GLY B 294 19.25 -10.03 12.74
C GLY B 294 19.31 -10.84 11.47
N PHE B 295 18.61 -10.40 10.43
CA PHE B 295 18.54 -11.13 9.17
C PHE B 295 19.45 -10.41 8.19
N SER B 296 20.62 -11.00 7.89
CA SER B 296 21.63 -10.36 7.06
C SER B 296 22.06 -9.00 7.63
N GLY B 297 22.08 -8.89 8.94
CA GLY B 297 22.60 -7.69 9.59
C GLY B 297 22.73 -7.89 11.08
N GLY B 298 23.60 -7.08 11.69
CA GLY B 298 23.74 -7.10 13.14
C GLY B 298 25.15 -6.96 13.71
N GLY B 299 26.17 -7.23 12.90
CA GLY B 299 27.53 -7.36 13.38
C GLY B 299 28.39 -6.11 13.49
N ILE B 300 28.05 -5.21 14.43
CA ILE B 300 28.85 -4.03 14.67
C ILE B 300 30.26 -4.41 15.09
N ILE B 301 31.24 -3.89 14.36
CA ILE B 301 32.64 -3.88 14.77
C ILE B 301 33.45 -3.10 13.72
N GLY B 304 38.35 -4.29 14.62
CA GLY B 304 39.29 -4.84 15.59
C GLY B 304 39.23 -4.16 16.94
N GLY B 305 38.37 -4.68 17.81
CA GLY B 305 38.23 -4.14 19.14
C GLY B 305 37.97 -5.24 20.16
N ASP B 306 37.27 -4.90 21.23
CA ASP B 306 36.97 -5.86 22.30
C ASP B 306 35.50 -6.26 22.16
N PHE B 307 35.27 -7.41 21.54
CA PHE B 307 33.89 -7.89 21.35
C PHE B 307 33.16 -8.01 22.68
N SER B 308 33.87 -8.28 23.77
CA SER B 308 33.24 -8.41 25.07
C SER B 308 32.60 -7.11 25.56
N LYS B 309 32.90 -5.98 24.94
CA LYS B 309 32.49 -4.66 25.44
C LYS B 309 31.33 -4.07 24.65
N MET B 310 30.87 -4.76 23.61
CA MET B 310 29.85 -4.23 22.70
C MET B 310 28.56 -3.87 23.43
N TYR B 311 27.89 -2.84 22.91
CA TYR B 311 26.62 -2.36 23.46
C TYR B 311 26.74 -2.10 24.96
N ASN B 312 27.81 -1.39 25.32
CA ASN B 312 28.05 -0.96 26.70
C ASN B 312 28.07 -2.16 27.66
N ASN B 313 28.91 -3.15 27.33
CA ASN B 313 29.19 -4.28 28.20
C ASN B 313 27.95 -5.13 28.46
N VAL B 314 27.03 -5.19 27.50
CA VAL B 314 25.76 -5.87 27.71
C VAL B 314 25.98 -7.35 28.03
N TRP B 315 26.99 -7.96 27.42
CA TRP B 315 27.28 -9.38 27.62
C TRP B 315 28.70 -9.60 28.11
N SER B 316 29.26 -8.63 28.84
N SER B 316 29.25 -8.63 28.84
CA SER B 316 30.54 -8.83 29.49
CA SER B 316 30.55 -8.84 29.48
C SER B 316 30.47 -10.03 30.43
C SER B 316 30.49 -10.02 30.44
N ASP B 317 29.41 -10.12 31.21
CA ASP B 317 29.15 -11.29 32.06
C ASP B 317 28.29 -12.24 31.22
N VAL B 318 28.94 -13.19 30.57
CA VAL B 318 28.27 -14.02 29.57
C VAL B 318 27.20 -14.89 30.22
N ASP B 319 27.47 -15.39 31.42
CA ASP B 319 26.56 -16.37 32.01
C ASP B 319 25.25 -15.73 32.46
N THR B 320 25.29 -14.51 33.00
CA THR B 320 24.03 -13.86 33.33
C THR B 320 23.32 -13.37 32.08
N PHE B 321 24.07 -12.96 31.05
CA PHE B 321 23.45 -12.60 29.77
C PHE B 321 22.65 -13.76 29.22
N ASN B 322 23.24 -14.96 29.19
CA ASN B 322 22.58 -16.13 28.61
C ASN B 322 21.29 -16.48 29.33
N LYS B 323 21.14 -16.11 30.62
CA LYS B 323 19.88 -16.34 31.31
C LYS B 323 18.92 -15.17 31.17
N ARG B 324 19.41 -14.00 30.81
N ARG B 324 19.42 -14.00 30.79
CA ARG B 324 18.56 -12.83 30.59
CA ARG B 324 18.58 -12.83 30.59
C ARG B 324 17.92 -12.82 29.21
C ARG B 324 17.93 -12.80 29.21
N VAL B 325 18.57 -13.41 28.21
CA VAL B 325 18.11 -13.36 26.83
C VAL B 325 17.54 -14.71 26.44
N LYS B 326 16.31 -14.70 25.94
CA LYS B 326 15.67 -15.94 25.54
C LYS B 326 16.13 -16.40 24.16
N LEU B 327 16.49 -15.47 23.28
CA LEU B 327 16.84 -15.86 21.92
C LEU B 327 17.69 -14.77 21.27
N ILE B 328 18.81 -15.16 20.69
CA ILE B 328 19.55 -14.37 19.70
C ILE B 328 19.54 -15.17 18.41
N TYR B 329 19.09 -14.54 17.32
CA TYR B 329 18.98 -15.21 16.02
C TYR B 329 19.71 -14.39 14.97
N LEU B 330 20.50 -15.07 14.16
CA LEU B 330 21.26 -14.47 13.06
C LEU B 330 21.08 -15.33 11.83
N SER B 331 20.88 -14.69 10.68
CA SER B 331 20.77 -15.41 9.43
C SER B 331 21.49 -14.67 8.32
N ILE B 332 21.79 -15.41 7.26
CA ILE B 332 22.51 -14.88 6.10
C ILE B 332 22.21 -15.81 4.93
N GLY B 333 22.22 -15.25 3.72
CA GLY B 333 22.14 -16.10 2.53
C GLY B 333 23.53 -16.57 2.13
N THR B 334 23.61 -17.83 1.67
CA THR B 334 24.93 -18.34 1.26
C THR B 334 25.47 -17.57 0.06
N ALA B 335 24.60 -16.96 -0.75
CA ALA B 335 25.02 -16.28 -1.96
C ALA B 335 25.12 -14.77 -1.80
N GLU B 336 25.08 -14.26 -0.57
CA GLU B 336 25.19 -12.81 -0.35
C GLU B 336 26.59 -12.32 -0.72
N PRO B 337 26.73 -11.05 -1.09
CA PRO B 337 28.06 -10.47 -1.31
C PRO B 337 29.00 -10.79 -0.15
N THR B 338 30.27 -11.05 -0.49
CA THR B 338 31.25 -11.55 0.48
C THR B 338 31.30 -10.68 1.72
N ASN B 339 31.33 -9.36 1.53
CA ASN B 339 31.39 -8.46 2.68
C ASN B 339 30.21 -8.68 3.63
N MET B 340 29.02 -8.91 3.06
CA MET B 340 27.83 -9.04 3.90
C MET B 340 27.81 -10.37 4.62
N TYR B 341 28.20 -11.45 3.94
CA TYR B 341 28.30 -12.75 4.57
C TYR B 341 29.31 -12.73 5.72
N GLN B 342 30.50 -12.18 5.49
N GLN B 342 30.51 -12.20 5.47
CA GLN B 342 31.54 -12.21 6.50
CA GLN B 342 31.55 -12.19 6.50
C GLN B 342 31.11 -11.46 7.76
C GLN B 342 31.09 -11.47 7.76
N THR B 343 30.43 -10.32 7.61
CA THR B 343 30.00 -9.54 8.76
C THR B 343 29.11 -10.36 9.68
N VAL B 344 28.12 -11.07 9.13
CA VAL B 344 27.21 -11.82 9.98
C VAL B 344 27.88 -13.11 10.47
N ASN B 345 28.60 -13.79 9.59
CA ASN B 345 29.28 -15.02 9.99
C ASN B 345 30.30 -14.74 11.09
N ASN B 346 31.07 -13.66 10.96
CA ASN B 346 32.02 -13.31 12.01
C ASN B 346 31.33 -12.92 13.30
N PHE B 347 30.18 -12.23 13.22
CA PHE B 347 29.39 -11.95 14.41
C PHE B 347 28.98 -13.25 15.09
N HIS B 348 28.48 -14.21 14.31
CA HIS B 348 28.12 -15.52 14.83
C HIS B 348 29.32 -16.24 15.45
N LYS B 349 30.49 -16.14 14.81
CA LYS B 349 31.66 -16.84 15.35
C LYS B 349 32.15 -16.19 16.64
N GLU B 350 32.06 -14.87 16.74
CA GLU B 350 32.38 -14.21 18.01
C GLU B 350 31.45 -14.68 19.12
N PHE B 351 30.14 -14.79 18.82
CA PHE B 351 29.21 -15.35 19.79
C PHE B 351 29.63 -16.76 20.20
N GLU B 352 30.08 -17.57 19.24
CA GLU B 352 30.47 -18.95 19.55
C GLU B 352 31.69 -19.00 20.46
N LYS B 353 32.73 -18.22 20.14
CA LYS B 353 33.91 -18.16 20.99
C LYS B 353 33.55 -17.77 22.42
N ALA B 354 32.75 -16.70 22.57
CA ALA B 354 32.40 -16.19 23.90
C ALA B 354 31.41 -17.07 24.63
N GLY B 355 30.89 -18.12 23.99
CA GLY B 355 29.90 -18.94 24.65
C GLY B 355 28.53 -18.34 24.75
N ILE B 356 28.24 -17.36 23.90
CA ILE B 356 26.90 -16.69 23.95
C ILE B 356 25.92 -17.49 23.11
N LYS B 357 24.89 -18.00 23.74
CA LYS B 357 23.89 -18.87 23.09
C LYS B 357 23.15 -18.10 21.99
N HIS B 358 23.04 -18.72 20.82
CA HIS B 358 22.34 -18.07 19.68
C HIS B 358 22.03 -19.09 18.59
N VAL B 359 21.05 -18.75 17.78
CA VAL B 359 20.71 -19.54 16.59
C VAL B 359 21.31 -18.85 15.37
N TYR B 360 21.92 -19.65 14.49
CA TYR B 360 22.53 -19.16 13.27
C TYR B 360 22.03 -20.02 12.11
N TYR B 361 21.52 -19.36 11.06
CA TYR B 361 20.96 -20.04 9.91
C TYR B 361 21.54 -19.45 8.65
N GLU B 362 22.03 -20.32 7.77
CA GLU B 362 22.48 -19.93 6.45
C GLU B 362 21.42 -20.38 5.45
N SER B 363 20.83 -19.42 4.73
CA SER B 363 19.77 -19.65 3.76
C SER B 363 20.40 -20.16 2.47
N PRO B 364 20.14 -21.40 2.06
CA PRO B 364 20.83 -21.95 0.88
C PRO B 364 20.41 -21.30 -0.42
N GLY B 365 21.40 -20.84 -1.19
CA GLY B 365 21.19 -20.39 -2.54
C GLY B 365 20.54 -19.03 -2.70
N THR B 366 20.34 -18.29 -1.61
CA THR B 366 19.75 -16.96 -1.74
C THR B 366 20.75 -15.89 -1.32
N SER B 367 20.45 -14.66 -1.73
CA SER B 367 21.41 -13.57 -1.62
C SER B 367 20.82 -12.48 -0.74
N HIS B 368 21.22 -11.23 -0.95
CA HIS B 368 20.77 -10.13 -0.09
C HIS B 368 19.43 -9.59 -0.58
N GLU B 369 18.43 -10.47 -0.51
CA GLU B 369 17.14 -10.28 -1.19
C GLU B 369 16.05 -10.90 -0.33
N TRP B 370 14.80 -10.60 -0.68
CA TRP B 370 13.68 -10.80 0.24
C TRP B 370 13.39 -12.27 0.54
N LEU B 371 13.70 -13.21 -0.36
CA LEU B 371 13.45 -14.61 0.00
C LEU B 371 14.26 -15.03 1.22
N THR B 372 15.49 -14.52 1.34
CA THR B 372 16.31 -14.79 2.52
C THR B 372 15.61 -14.33 3.78
N TRP B 373 14.92 -13.19 3.70
CA TRP B 373 14.28 -12.60 4.86
C TRP B 373 12.91 -13.23 5.12
N ARG B 374 12.20 -13.67 4.08
CA ARG B 374 10.99 -14.45 4.32
C ARG B 374 11.33 -15.75 5.06
N ARG B 375 12.40 -16.43 4.62
CA ARG B 375 12.85 -17.65 5.30
C ARG B 375 13.21 -17.36 6.75
N SER B 376 13.92 -16.25 6.99
CA SER B 376 14.34 -15.92 8.35
C SER B 376 13.15 -15.65 9.26
N LEU B 377 12.17 -14.88 8.79
CA LEU B 377 11.01 -14.62 9.63
C LEU B 377 10.27 -15.92 9.93
N ASN B 378 10.15 -16.80 8.93
CA ASN B 378 9.49 -18.07 9.13
C ASN B 378 10.14 -18.85 10.28
N GLN B 379 11.48 -18.93 10.25
CA GLN B 379 12.21 -19.59 11.32
C GLN B 379 12.11 -18.83 12.64
N PHE B 380 12.38 -17.51 12.61
CA PHE B 380 12.42 -16.72 13.83
C PHE B 380 11.09 -16.74 14.57
N ALA B 381 9.98 -16.58 13.84
CA ALA B 381 8.69 -16.51 14.52
C ALA B 381 8.35 -17.82 15.22
N GLU B 382 8.82 -18.95 14.66
CA GLU B 382 8.62 -20.24 15.33
C GLU B 382 9.29 -20.29 16.69
N LEU B 383 10.40 -19.59 16.87
CA LEU B 383 11.15 -19.67 18.11
C LEU B 383 10.66 -18.72 19.19
N LEU B 384 9.75 -17.80 18.87
CA LEU B 384 9.45 -16.69 19.78
C LEU B 384 8.49 -17.09 20.88
N PHE B 385 8.70 -16.47 22.06
CA PHE B 385 7.73 -16.50 23.16
C PHE B 385 7.49 -17.92 23.67
N LYS B 386 8.56 -18.72 23.72
CA LYS B 386 8.42 -20.11 24.14
C LYS B 386 9.39 -20.47 25.26
CL CL C . -14.35 5.16 -14.90
C1 PEG D . 17.98 15.27 -3.70
O1 PEG D . 18.11 13.88 -3.96
C2 PEG D . 16.80 15.86 -4.39
O2 PEG D . 17.08 16.08 -5.77
C3 PEG D . 15.88 16.22 -6.54
C4 PEG D . 15.19 14.90 -6.66
O4 PEG D . 14.00 14.96 -7.41
C1 EDO E . 21.88 5.04 -22.98
O1 EDO E . 22.77 4.09 -22.38
C2 EDO E . 21.96 4.95 -24.49
O2 EDO E . 20.88 5.68 -25.08
#